data_6ZS1
#
_entry.id   6ZS1
#
_cell.length_a   89.110
_cell.length_b   89.110
_cell.length_c   310.370
_cell.angle_alpha   90.000
_cell.angle_beta   90.000
_cell.angle_gamma   120.000
#
_symmetry.space_group_name_H-M   'P 61'
#
loop_
_entity.id
_entity.type
_entity.pdbx_description
1 polymer 'Superoxide dismutase [Cu-Zn]'
2 non-polymer 'ZINC ION'
3 non-polymer 'PHOSPHATE ION'
4 non-polymer 'SODIUM ION'
5 non-polymer 'COPPER (II) ION'
6 non-polymer GLYCEROL
7 water water
#
_entity_poly.entity_id   1
_entity_poly.type   'polypeptide(L)'
_entity_poly.pdbx_seq_one_letter_code
;YVEMVKAVAVVRGDSKVTGTVTFEQESESSPTIITWDITGHDPNAKRGMHIHTFGDNTNGCTSAGPHFNPHGKTHGAPTD
ENRHVGDLGNIETDANGNSKGTMTDHLVKLIGPESVIGRTVVVHAGTDDLGKGGNEESLKTGNAGPRPACGVIGIAQ
;
_entity_poly.pdbx_strand_id   A,B,C,D,E,F,G,H
#
loop_
_chem_comp.id
_chem_comp.type
_chem_comp.name
_chem_comp.formula
CU non-polymer 'COPPER (II) ION' 'Cu 2'
GOL non-polymer GLYCEROL 'C3 H8 O3'
NA non-polymer 'SODIUM ION' 'Na 1'
PO4 non-polymer 'PHOSPHATE ION' 'O4 P -3'
ZN non-polymer 'ZINC ION' 'Zn 2'
#
# COMPACT_ATOMS: atom_id res chain seq x y z
N TYR A 1 -14.86 -8.26 27.46
CA TYR A 1 -14.05 -8.13 26.24
C TYR A 1 -12.80 -7.32 26.52
N VAL A 2 -11.67 -7.82 26.00
CA VAL A 2 -10.38 -7.17 26.18
C VAL A 2 -9.85 -6.75 24.82
N GLU A 3 -9.46 -5.47 24.71
CA GLU A 3 -8.90 -4.98 23.45
C GLU A 3 -7.42 -5.34 23.34
N MET A 4 -6.72 -5.28 24.47
CA MET A 4 -5.29 -5.54 24.49
CA MET A 4 -5.28 -5.53 24.47
C MET A 4 -4.98 -6.89 23.86
N VAL A 5 -3.94 -6.95 23.04
CA VAL A 5 -3.50 -8.20 22.45
C VAL A 5 -2.03 -8.40 22.77
N LYS A 6 -1.69 -9.61 23.18
CA LYS A 6 -0.31 -9.99 23.41
C LYS A 6 -0.05 -11.18 22.51
N ALA A 7 1.12 -11.24 21.92
CA ALA A 7 1.43 -12.35 21.05
C ALA A 7 2.89 -12.69 21.24
N VAL A 8 3.27 -13.88 20.82
CA VAL A 8 4.65 -14.30 20.97
C VAL A 8 4.98 -15.24 19.83
N ALA A 9 6.19 -15.07 19.27
CA ALA A 9 6.75 -16.03 18.33
C ALA A 9 7.91 -16.70 19.04
N VAL A 10 7.88 -18.03 19.07
CA VAL A 10 8.97 -18.80 19.65
C VAL A 10 9.75 -19.32 18.48
N VAL A 11 10.98 -18.86 18.29
CA VAL A 11 11.68 -19.11 17.04
C VAL A 11 12.68 -20.23 17.20
N ARG A 12 12.78 -21.02 16.15
CA ARG A 12 13.76 -22.08 16.05
C ARG A 12 13.86 -22.46 14.58
N GLY A 13 14.90 -23.20 14.27
CA GLY A 13 14.99 -23.74 12.94
C GLY A 13 16.19 -24.64 12.82
N ASP A 14 16.70 -24.73 11.60
CA ASP A 14 17.84 -25.58 11.30
C ASP A 14 19.13 -24.84 11.70
N SER A 15 19.23 -24.60 13.00
CA SER A 15 20.33 -23.82 13.57
C SER A 15 20.26 -23.95 15.09
N LYS A 16 21.19 -23.27 15.76
CA LYS A 16 21.15 -23.14 17.20
C LYS A 16 20.46 -21.87 17.66
N VAL A 17 19.92 -21.10 16.72
CA VAL A 17 19.26 -19.84 17.07
C VAL A 17 17.88 -20.15 17.60
N THR A 18 17.61 -19.73 18.83
CA THR A 18 16.29 -19.87 19.40
C THR A 18 15.95 -18.60 20.15
N GLY A 19 14.71 -18.51 20.57
CA GLY A 19 14.34 -17.47 21.48
C GLY A 19 12.90 -17.09 21.25
N THR A 20 12.54 -15.94 21.80
CA THR A 20 11.16 -15.51 21.77
C THR A 20 11.09 -14.06 21.32
N VAL A 21 10.04 -13.74 20.61
CA VAL A 21 9.79 -12.36 20.21
C VAL A 21 8.35 -12.10 20.63
N THR A 22 8.17 -11.18 21.55
CA THR A 22 6.82 -10.90 22.02
C THR A 22 6.32 -9.60 21.43
N PHE A 23 5.01 -9.52 21.29
CA PHE A 23 4.33 -8.36 20.74
C PHE A 23 3.22 -7.99 21.69
N GLU A 24 3.05 -6.69 21.97
CA GLU A 24 1.90 -6.24 22.72
C GLU A 24 1.35 -4.99 22.04
N GLN A 25 0.03 -4.93 21.91
CA GLN A 25 -0.62 -3.77 21.32
C GLN A 25 -1.86 -3.46 22.14
N GLU A 26 -1.94 -2.23 22.67
CA GLU A 26 -3.03 -1.87 23.55
C GLU A 26 -4.34 -1.67 22.79
N SER A 27 -4.26 -1.12 21.59
CA SER A 27 -5.46 -0.91 20.80
C SER A 27 -5.06 -0.81 19.34
N GLU A 28 -6.05 -0.86 18.44
CA GLU A 28 -5.71 -0.77 17.03
C GLU A 28 -4.99 0.53 16.72
N SER A 29 -5.23 1.58 17.50
CA SER A 29 -4.62 2.88 17.22
C SER A 29 -3.23 3.05 17.84
N SER A 30 -2.74 2.06 18.57
CA SER A 30 -1.47 2.24 19.27
CA SER A 30 -1.48 2.21 19.29
C SER A 30 -0.34 1.51 18.55
N PRO A 31 0.90 1.93 18.77
CA PRO A 31 2.03 1.16 18.23
C PRO A 31 2.11 -0.17 18.95
N THR A 32 2.81 -1.09 18.35
CA THR A 32 3.02 -2.41 18.94
C THR A 32 4.40 -2.45 19.57
N ILE A 33 4.49 -2.97 20.79
CA ILE A 33 5.77 -3.09 21.46
C ILE A 33 6.29 -4.48 21.22
N ILE A 34 7.55 -4.56 20.78
CA ILE A 34 8.16 -5.81 20.35
C ILE A 34 9.35 -6.04 21.25
N THR A 35 9.44 -7.23 21.81
CA THR A 35 10.57 -7.53 22.68
C THR A 35 11.18 -8.83 22.19
N TRP A 36 12.51 -8.87 22.03
CA TRP A 36 13.12 -10.12 21.62
C TRP A 36 14.10 -10.58 22.66
N ASP A 37 14.26 -11.89 22.71
CA ASP A 37 15.18 -12.55 23.64
C ASP A 37 15.69 -13.77 22.86
N ILE A 38 16.79 -13.56 22.15
CA ILE A 38 17.33 -14.49 21.18
C ILE A 38 18.63 -15.04 21.75
N THR A 39 18.88 -16.33 21.55
CA THR A 39 20.13 -16.95 21.98
C THR A 39 20.65 -17.80 20.84
N GLY A 40 21.95 -18.09 20.89
CA GLY A 40 22.52 -19.06 19.97
C GLY A 40 22.91 -18.53 18.61
N HIS A 41 22.97 -17.21 18.45
CA HIS A 41 23.34 -16.62 17.17
C HIS A 41 24.83 -16.34 17.15
N ASP A 42 25.29 -15.79 16.04
CA ASP A 42 26.65 -15.32 15.96
C ASP A 42 26.90 -14.24 17.00
N PRO A 43 28.11 -14.17 17.54
CA PRO A 43 28.41 -13.13 18.53
C PRO A 43 28.71 -11.80 17.88
N ASN A 44 28.42 -10.73 18.61
CA ASN A 44 28.81 -9.38 18.21
C ASN A 44 28.38 -9.06 16.77
N ALA A 45 27.13 -9.35 16.46
CA ALA A 45 26.69 -9.27 15.07
C ALA A 45 25.38 -8.50 14.98
N LYS A 46 25.10 -7.97 13.78
CA LYS A 46 23.79 -7.41 13.46
C LYS A 46 23.05 -8.42 12.61
N ARG A 47 21.82 -8.76 13.01
CA ARG A 47 21.14 -9.85 12.34
C ARG A 47 19.73 -9.42 12.03
N GLY A 48 19.31 -9.63 10.80
CA GLY A 48 18.01 -9.16 10.39
C GLY A 48 16.92 -9.95 11.09
N MET A 49 15.88 -9.23 11.49
CA MET A 49 14.69 -9.84 12.08
C MET A 49 13.47 -9.25 11.38
N HIS A 50 12.66 -10.10 10.78
CA HIS A 50 11.54 -9.58 10.02
C HIS A 50 10.30 -10.39 10.29
N ILE A 51 9.18 -9.77 9.97
CA ILE A 51 7.93 -10.50 9.94
C ILE A 51 7.67 -10.87 8.50
N HIS A 52 7.60 -12.16 8.25
CA HIS A 52 7.30 -12.69 6.94
C HIS A 52 5.83 -13.04 6.87
N THR A 53 5.32 -13.09 5.65
CA THR A 53 3.88 -13.03 5.43
C THR A 53 3.15 -14.24 6.00
N PHE A 54 3.66 -15.43 5.76
CA PHE A 54 2.92 -16.64 6.07
C PHE A 54 3.41 -17.28 7.35
N GLY A 55 2.45 -17.72 8.17
CA GLY A 55 2.78 -18.51 9.34
C GLY A 55 2.82 -19.99 8.98
N ASP A 56 3.45 -20.29 7.86
CA ASP A 56 3.49 -21.64 7.31
C ASP A 56 4.91 -22.15 7.50
N ASN A 57 5.07 -23.17 8.34
CA ASN A 57 6.37 -23.78 8.56
C ASN A 57 6.48 -25.16 7.91
N THR A 58 5.62 -25.44 6.93
CA THR A 58 5.54 -26.80 6.40
C THR A 58 6.86 -27.24 5.78
N ASN A 59 7.61 -26.31 5.20
CA ASN A 59 8.93 -26.63 4.67
C ASN A 59 10.02 -25.85 5.40
N GLY A 60 9.84 -25.63 6.68
CA GLY A 60 10.82 -24.90 7.44
C GLY A 60 10.60 -23.41 7.23
N CYS A 61 11.63 -22.62 7.54
CA CYS A 61 11.45 -21.18 7.50
C CYS A 61 11.25 -20.64 6.09
N THR A 62 11.61 -21.40 5.05
CA THR A 62 11.35 -20.95 3.68
C THR A 62 9.87 -20.74 3.40
N SER A 63 9.00 -21.55 4.01
CA SER A 63 7.56 -21.47 3.77
C SER A 63 6.95 -20.20 4.34
N ALA A 64 7.67 -19.45 5.18
CA ALA A 64 7.13 -18.19 5.64
C ALA A 64 6.97 -17.17 4.52
N GLY A 65 7.59 -17.40 3.37
CA GLY A 65 7.42 -16.48 2.27
C GLY A 65 8.24 -15.24 2.49
N PRO A 66 7.83 -14.17 1.83
CA PRO A 66 8.61 -12.93 1.85
C PRO A 66 8.21 -12.07 3.02
N HIS A 67 8.78 -10.88 3.08
CA HIS A 67 8.42 -9.96 4.13
C HIS A 67 6.97 -9.56 4.02
N PHE A 68 6.31 -9.51 5.16
CA PHE A 68 4.92 -9.07 5.18
C PHE A 68 4.83 -7.64 4.66
N ASN A 69 4.03 -7.44 3.62
CA ASN A 69 4.09 -6.20 2.87
C ASN A 69 2.70 -5.85 2.37
N PRO A 70 1.72 -5.70 3.27
CA PRO A 70 0.35 -5.42 2.81
C PRO A 70 0.24 -4.10 2.11
N HIS A 71 1.13 -3.15 2.39
CA HIS A 71 1.02 -1.85 1.76
C HIS A 71 1.81 -1.74 0.45
N GLY A 72 2.45 -2.82 0.01
CA GLY A 72 3.02 -2.83 -1.33
C GLY A 72 4.25 -1.97 -1.48
N LYS A 73 5.05 -1.81 -0.43
CA LYS A 73 6.27 -1.02 -0.46
C LYS A 73 7.49 -1.88 -0.83
N THR A 74 8.63 -1.21 -0.96
CA THR A 74 9.89 -1.91 -1.07
C THR A 74 10.53 -2.04 0.32
N HIS A 75 11.58 -2.83 0.39
CA HIS A 75 12.22 -3.12 1.66
C HIS A 75 12.97 -1.91 2.20
N GLY A 76 12.86 -1.67 3.50
CA GLY A 76 13.52 -0.52 4.07
C GLY A 76 13.92 -0.71 5.51
N ALA A 77 14.37 0.38 6.13
CA ALA A 77 14.60 0.42 7.55
C ALA A 77 13.26 0.63 8.25
N PRO A 78 13.16 0.21 9.51
CA PRO A 78 11.95 0.51 10.27
C PRO A 78 11.59 1.97 10.28
N THR A 79 12.57 2.87 10.25
CA THR A 79 12.27 4.29 10.30
C THR A 79 11.92 4.86 8.94
N ASP A 80 12.06 4.08 7.87
CA ASP A 80 11.76 4.58 6.55
C ASP A 80 10.26 4.59 6.29
N GLU A 81 9.83 5.56 5.49
CA GLU A 81 8.46 5.56 5.03
C GLU A 81 8.23 4.43 4.04
N ASN A 82 9.22 4.17 3.19
CA ASN A 82 9.12 3.14 2.16
C ASN A 82 9.76 1.88 2.73
N ARG A 83 8.95 1.07 3.42
CA ARG A 83 9.41 -0.15 4.08
C ARG A 83 8.26 -1.14 4.04
N HIS A 84 8.58 -2.41 4.16
CA HIS A 84 7.57 -3.43 4.44
C HIS A 84 7.09 -3.34 5.87
N VAL A 85 5.83 -3.69 6.11
CA VAL A 85 5.40 -3.81 7.51
C VAL A 85 6.38 -4.66 8.29
N GLY A 86 6.83 -5.75 7.70
CA GLY A 86 7.66 -6.71 8.38
C GLY A 86 9.09 -6.27 8.61
N ASP A 87 9.47 -5.06 8.21
CA ASP A 87 10.87 -4.63 8.25
C ASP A 87 11.21 -4.09 9.64
N LEU A 88 11.72 -4.97 10.51
CA LEU A 88 12.08 -4.59 11.86
C LEU A 88 13.60 -4.39 12.00
N GLY A 89 14.31 -4.34 10.87
CA GLY A 89 15.71 -4.01 10.91
C GLY A 89 16.55 -5.13 11.50
N ASN A 90 17.61 -4.73 12.19
CA ASN A 90 18.56 -5.68 12.76
C ASN A 90 18.46 -5.71 14.26
N ILE A 91 18.71 -6.88 14.82
CA ILE A 91 18.96 -6.99 16.22
C ILE A 91 20.46 -7.11 16.42
N GLU A 92 20.92 -6.75 17.60
CA GLU A 92 22.34 -6.77 17.94
C GLU A 92 22.60 -7.95 18.86
N THR A 93 23.58 -8.78 18.52
CA THR A 93 23.90 -9.87 19.43
C THR A 93 25.16 -9.51 20.21
N ASP A 94 25.23 -10.02 21.44
CA ASP A 94 26.35 -9.67 22.31
C ASP A 94 27.47 -10.68 22.12
N ALA A 95 28.45 -10.65 23.03
CA ALA A 95 29.62 -11.52 22.86
C ALA A 95 29.26 -12.99 22.95
N ASN A 96 28.10 -13.33 23.51
CA ASN A 96 27.66 -14.71 23.62
C ASN A 96 26.68 -15.13 22.54
N GLY A 97 26.37 -14.24 21.59
CA GLY A 97 25.43 -14.55 20.54
C GLY A 97 24.00 -14.38 20.95
N ASN A 98 23.77 -13.65 22.05
CA ASN A 98 22.45 -13.38 22.60
C ASN A 98 22.01 -11.97 22.27
N SER A 99 20.70 -11.80 22.11
CA SER A 99 20.18 -10.46 21.83
C SER A 99 18.91 -10.28 22.61
N LYS A 100 18.87 -9.27 23.48
CA LYS A 100 17.65 -8.88 24.17
C LYS A 100 17.40 -7.42 23.87
N GLY A 101 16.19 -7.11 23.46
CA GLY A 101 15.91 -5.72 23.17
C GLY A 101 14.43 -5.51 23.09
N THR A 102 14.04 -4.24 23.04
CA THR A 102 12.64 -3.93 22.93
C THR A 102 12.50 -2.66 22.13
N MET A 103 11.51 -2.62 21.25
CA MET A 103 11.19 -1.37 20.59
C MET A 103 9.73 -1.43 20.19
N THR A 104 9.15 -0.28 19.99
CA THR A 104 7.86 -0.24 19.33
C THR A 104 8.04 -0.16 17.83
N ASP A 105 7.01 -0.56 17.11
CA ASP A 105 6.97 -0.28 15.69
C ASP A 105 5.63 0.34 15.36
N HIS A 106 5.63 1.28 14.42
CA HIS A 106 4.42 2.01 14.12
C HIS A 106 3.62 1.40 12.97
N LEU A 107 4.15 0.39 12.27
CA LEU A 107 3.39 -0.28 11.22
C LEU A 107 2.91 -1.66 11.61
N VAL A 108 3.63 -2.34 12.49
CA VAL A 108 3.23 -3.68 12.90
C VAL A 108 2.03 -3.59 13.81
N LYS A 109 0.99 -4.31 13.47
CA LYS A 109 -0.21 -4.32 14.27
C LYS A 109 -0.58 -5.76 14.63
N LEU A 110 -1.20 -5.90 15.79
CA LEU A 110 -1.80 -7.17 16.16
C LEU A 110 -3.30 -7.16 15.98
N ILE A 111 -3.86 -5.98 15.83
CA ILE A 111 -5.31 -5.79 15.77
C ILE A 111 -5.62 -5.25 14.41
N GLY A 112 -6.68 -5.77 13.80
CA GLY A 112 -7.14 -5.18 12.57
C GLY A 112 -6.69 -5.94 11.35
N PRO A 113 -6.99 -5.37 10.19
CA PRO A 113 -6.82 -6.12 8.93
C PRO A 113 -5.37 -6.36 8.57
N GLU A 114 -4.42 -5.58 9.10
CA GLU A 114 -3.01 -5.85 8.85
C GLU A 114 -2.36 -6.59 9.99
N SER A 115 -3.15 -7.28 10.80
CA SER A 115 -2.61 -8.00 11.94
C SER A 115 -1.51 -8.95 11.50
N VAL A 116 -0.47 -9.04 12.31
CA VAL A 116 0.58 -10.01 12.05
C VAL A 116 0.38 -11.27 12.86
N ILE A 117 -0.76 -11.39 13.56
CA ILE A 117 -1.06 -12.65 14.24
C ILE A 117 -1.12 -13.73 13.17
N GLY A 118 -0.46 -14.85 13.42
CA GLY A 118 -0.50 -15.92 12.45
C GLY A 118 0.55 -15.79 11.37
N ARG A 119 1.39 -14.75 11.39
CA ARG A 119 2.48 -14.64 10.42
C ARG A 119 3.76 -15.10 11.10
N THR A 120 4.92 -14.82 10.50
CA THR A 120 6.13 -15.45 11.01
C THR A 120 7.17 -14.41 11.34
N VAL A 121 7.84 -14.57 12.49
CA VAL A 121 9.09 -13.84 12.74
C VAL A 121 10.21 -14.71 12.22
N VAL A 122 11.09 -14.15 11.37
CA VAL A 122 12.30 -14.82 10.95
C VAL A 122 13.48 -14.05 11.51
N VAL A 123 14.37 -14.77 12.20
CA VAL A 123 15.67 -14.25 12.57
C VAL A 123 16.65 -14.72 11.50
N HIS A 124 17.33 -13.78 10.86
CA HIS A 124 18.11 -14.12 9.69
C HIS A 124 19.55 -14.42 10.06
N ALA A 125 20.24 -15.06 9.10
CA ALA A 125 21.64 -15.42 9.27
C ALA A 125 22.58 -14.25 9.04
N GLY A 126 22.13 -13.23 8.32
CA GLY A 126 22.96 -12.09 8.02
C GLY A 126 22.36 -10.76 8.41
N THR A 127 23.02 -9.71 7.96
CA THR A 127 22.66 -8.36 8.33
C THR A 127 21.71 -7.77 7.30
N ASP A 128 20.66 -7.14 7.78
CA ASP A 128 19.74 -6.41 6.93
C ASP A 128 20.40 -5.12 6.49
N ASP A 129 20.55 -4.94 5.18
CA ASP A 129 21.13 -3.69 4.68
C ASP A 129 20.12 -2.56 4.61
N LEU A 130 18.91 -2.80 5.10
CA LEU A 130 17.90 -1.77 5.30
C LEU A 130 17.47 -1.16 3.99
N GLY A 131 17.61 -1.91 2.91
CA GLY A 131 17.16 -1.46 1.62
C GLY A 131 18.09 -0.45 1.02
N LYS A 132 19.32 -0.36 1.53
CA LYS A 132 20.27 0.65 1.09
C LYS A 132 21.41 0.04 0.30
N GLY A 133 21.24 -1.21 -0.15
CA GLY A 133 22.31 -1.97 -0.80
C GLY A 133 22.50 -1.66 -2.28
N GLY A 134 21.55 -0.95 -2.89
CA GLY A 134 21.74 -0.57 -4.27
C GLY A 134 21.44 -1.65 -5.28
N ASN A 135 20.90 -2.79 -4.86
CA ASN A 135 20.51 -3.82 -5.83
C ASN A 135 19.06 -4.21 -5.58
N GLU A 136 18.47 -4.91 -6.55
CA GLU A 136 17.06 -5.25 -6.42
C GLU A 136 16.82 -6.11 -5.19
N GLU A 137 17.77 -6.98 -4.86
CA GLU A 137 17.59 -7.82 -3.69
C GLU A 137 17.50 -6.99 -2.42
N SER A 138 18.28 -5.92 -2.33
CA SER A 138 18.20 -5.04 -1.16
C SER A 138 16.78 -4.53 -0.96
N LEU A 139 16.11 -4.13 -2.04
CA LEU A 139 14.76 -3.63 -1.93
C LEU A 139 13.74 -4.74 -1.79
N LYS A 140 14.18 -6.01 -1.80
CA LYS A 140 13.25 -7.09 -1.48
C LYS A 140 13.47 -7.63 -0.07
N THR A 141 14.70 -7.99 0.25
CA THR A 141 14.99 -8.69 1.49
C THR A 141 16.00 -7.98 2.38
N GLY A 142 16.63 -6.93 1.90
CA GLY A 142 17.72 -6.38 2.66
C GLY A 142 18.97 -7.22 2.64
N ASN A 143 19.03 -8.23 1.79
CA ASN A 143 20.22 -9.08 1.66
C ASN A 143 20.59 -9.69 3.01
N ALA A 144 19.59 -10.04 3.81
CA ALA A 144 19.88 -10.47 5.18
C ALA A 144 20.21 -11.95 5.26
N GLY A 145 20.25 -12.66 4.16
CA GLY A 145 20.69 -14.03 4.22
C GLY A 145 19.60 -15.01 4.61
N PRO A 146 20.01 -16.22 4.87
CA PRO A 146 19.04 -17.30 5.12
C PRO A 146 18.34 -17.18 6.45
N ARG A 147 17.58 -18.20 6.81
CA ARG A 147 16.59 -18.13 7.90
C ARG A 147 16.90 -19.20 8.93
N PRO A 148 17.89 -18.97 9.80
CA PRO A 148 18.21 -19.98 10.82
C PRO A 148 17.12 -20.22 11.85
N ALA A 149 16.19 -19.30 12.05
CA ALA A 149 15.15 -19.52 13.05
C ALA A 149 13.91 -18.74 12.66
N CYS A 150 12.76 -19.33 12.92
CA CYS A 150 11.53 -18.61 12.67
C CYS A 150 10.48 -19.16 13.62
N GLY A 151 9.41 -18.40 13.79
CA GLY A 151 8.30 -18.90 14.57
C GLY A 151 7.03 -18.16 14.19
N VAL A 152 5.92 -18.86 14.30
CA VAL A 152 4.64 -18.23 14.04
C VAL A 152 4.26 -17.34 15.20
N ILE A 153 3.73 -16.16 14.88
CA ILE A 153 3.29 -15.20 15.88
C ILE A 153 1.95 -15.70 16.41
N GLY A 154 1.95 -16.11 17.67
CA GLY A 154 0.75 -16.71 18.24
C GLY A 154 0.18 -15.89 19.36
N ILE A 155 -1.11 -16.06 19.60
CA ILE A 155 -1.78 -15.30 20.65
C ILE A 155 -1.30 -15.77 22.01
N ALA A 156 -0.94 -14.81 22.85
CA ALA A 156 -0.46 -15.05 24.19
C ALA A 156 -1.54 -14.67 25.21
N GLN A 157 -1.43 -15.27 26.37
CA GLN A 157 -2.35 -14.97 27.44
C GLN A 157 -2.15 -13.53 27.92
N TYR B 1 14.81 4.36 -28.69
CA TYR B 1 13.97 3.96 -27.56
C TYR B 1 12.87 4.97 -27.32
N VAL B 2 11.66 4.47 -27.07
CA VAL B 2 10.47 5.30 -26.89
C VAL B 2 9.93 5.04 -25.49
N GLU B 3 9.75 6.10 -24.71
CA GLU B 3 9.19 5.95 -23.36
C GLU B 3 7.68 5.79 -23.40
N MET B 4 7.03 6.51 -24.33
CA MET B 4 5.58 6.50 -24.44
CA MET B 4 5.58 6.49 -24.46
C MET B 4 5.07 5.07 -24.53
N VAL B 5 4.01 4.76 -23.79
CA VAL B 5 3.38 3.45 -23.88
C VAL B 5 1.91 3.65 -24.21
N LYS B 6 1.43 2.88 -25.18
CA LYS B 6 0.03 2.81 -25.51
C LYS B 6 -0.40 1.38 -25.28
N ALA B 7 -1.59 1.19 -24.74
CA ALA B 7 -2.09 -0.15 -24.48
C ALA B 7 -3.58 -0.16 -24.79
N VAL B 8 -4.14 -1.35 -24.97
CA VAL B 8 -5.56 -1.45 -25.27
C VAL B 8 -6.06 -2.76 -24.72
N ALA B 9 -7.25 -2.73 -24.13
CA ALA B 9 -7.97 -3.93 -23.76
C ALA B 9 -9.20 -4.01 -24.66
N VAL B 10 -9.34 -5.11 -25.35
CA VAL B 10 -10.51 -5.35 -26.17
C VAL B 10 -11.37 -6.30 -25.36
N VAL B 11 -12.54 -5.83 -24.94
CA VAL B 11 -13.32 -6.55 -23.95
C VAL B 11 -14.47 -7.29 -24.59
N ARG B 12 -14.72 -8.46 -24.06
CA ARG B 12 -15.83 -9.31 -24.46
C ARG B 12 -16.00 -10.34 -23.36
N GLY B 13 -17.13 -11.03 -23.42
CA GLY B 13 -17.31 -12.13 -22.50
C GLY B 13 -18.64 -12.77 -22.77
N ASP B 14 -19.24 -13.31 -21.72
CA ASP B 14 -20.50 -14.04 -21.86
C ASP B 14 -21.66 -13.06 -21.84
N SER B 15 -21.70 -12.22 -22.86
CA SER B 15 -22.65 -11.13 -22.94
C SER B 15 -22.51 -10.50 -24.31
N LYS B 16 -23.33 -9.47 -24.54
CA LYS B 16 -23.22 -8.67 -25.74
C LYS B 16 -22.32 -7.46 -25.54
N VAL B 17 -21.74 -7.31 -24.36
CA VAL B 17 -20.91 -6.14 -24.08
C VAL B 17 -19.57 -6.33 -24.76
N THR B 18 -19.19 -5.39 -25.60
CA THR B 18 -17.89 -5.40 -26.24
C THR B 18 -17.36 -4.00 -26.26
N GLY B 19 -16.12 -3.88 -26.70
CA GLY B 19 -15.56 -2.57 -26.98
C GLY B 19 -14.10 -2.56 -26.63
N THR B 20 -13.56 -1.36 -26.54
CA THR B 20 -12.14 -1.19 -26.33
C THR B 20 -11.90 -0.15 -25.26
N VAL B 21 -10.85 -0.38 -24.48
CA VAL B 21 -10.41 0.58 -23.49
C VAL B 21 -8.95 0.82 -23.76
N THR B 22 -8.60 2.04 -24.11
CA THR B 22 -7.22 2.32 -24.44
C THR B 22 -6.57 3.08 -23.30
N PHE B 23 -5.25 2.93 -23.22
CA PHE B 23 -4.44 3.54 -22.18
C PHE B 23 -3.25 4.17 -22.86
N GLU B 24 -2.91 5.40 -22.48
CA GLU B 24 -1.68 6.00 -22.97
C GLU B 24 -0.98 6.65 -21.79
N GLN B 25 0.33 6.46 -21.70
CA GLN B 25 1.09 7.10 -20.63
C GLN B 25 2.39 7.60 -21.21
N GLU B 26 2.65 8.92 -21.07
CA GLU B 26 3.82 9.50 -21.73
C GLU B 26 5.11 9.11 -21.03
N SER B 27 5.07 9.00 -19.70
CA SER B 27 6.26 8.68 -18.92
C SER B 27 5.82 8.07 -17.60
N GLU B 28 6.77 7.48 -16.87
CA GLU B 28 6.36 6.88 -15.61
C GLU B 28 5.80 7.92 -14.67
N SER B 29 6.24 9.17 -14.79
CA SER B 29 5.81 10.26 -13.92
C SER B 29 4.47 10.88 -14.33
N SER B 30 3.89 10.47 -15.46
CA SER B 30 2.71 11.18 -15.95
C SER B 30 1.44 10.38 -15.62
N PRO B 31 0.28 11.03 -15.62
CA PRO B 31 -0.98 10.27 -15.50
C PRO B 31 -1.22 9.47 -16.77
N THR B 32 -2.02 8.44 -16.64
CA THR B 32 -2.40 7.60 -17.77
C THR B 32 -3.75 8.06 -18.30
N ILE B 33 -3.86 8.24 -19.60
CA ILE B 33 -5.11 8.65 -20.19
C ILE B 33 -5.84 7.40 -20.65
N ILE B 34 -7.09 7.28 -20.24
CA ILE B 34 -7.90 6.09 -20.46
C ILE B 34 -9.07 6.49 -21.33
N THR B 35 -9.32 5.74 -22.40
CA THR B 35 -10.43 6.04 -23.28
C THR B 35 -11.25 4.78 -23.45
N TRP B 36 -12.58 4.85 -23.28
CA TRP B 36 -13.36 3.66 -23.47
C TRP B 36 -14.35 3.88 -24.60
N ASP B 37 -14.67 2.79 -25.27
CA ASP B 37 -15.64 2.80 -26.37
C ASP B 37 -16.34 1.45 -26.28
N ILE B 38 -17.42 1.43 -25.53
CA ILE B 38 -18.13 0.22 -25.13
C ILE B 38 -19.47 0.21 -25.86
N THR B 39 -19.89 -0.97 -26.30
CA THR B 39 -21.21 -1.12 -26.92
C THR B 39 -21.89 -2.34 -26.31
N GLY B 40 -23.21 -2.38 -26.45
CA GLY B 40 -23.94 -3.58 -26.12
C GLY B 40 -24.29 -3.75 -24.66
N HIS B 41 -24.15 -2.70 -23.86
CA HIS B 41 -24.50 -2.76 -22.46
C HIS B 41 -25.94 -2.31 -22.25
N ASP B 42 -26.39 -2.31 -21.01
CA ASP B 42 -27.68 -1.76 -20.69
C ASP B 42 -27.72 -0.28 -21.05
N PRO B 43 -28.88 0.24 -21.44
CA PRO B 43 -29.00 1.66 -21.75
C PRO B 43 -29.14 2.51 -20.50
N ASN B 44 -28.67 3.76 -20.60
CA ASN B 44 -28.91 4.77 -19.57
C ASN B 44 -28.47 4.26 -18.20
N ALA B 45 -27.27 3.70 -18.14
CA ALA B 45 -26.85 3.01 -16.93
C ALA B 45 -25.47 3.48 -16.52
N LYS B 46 -25.18 3.27 -15.22
CA LYS B 46 -23.85 3.45 -14.66
C LYS B 46 -23.27 2.06 -14.46
N ARG B 47 -22.11 1.78 -15.05
CA ARG B 47 -21.60 0.42 -15.02
C ARG B 47 -20.15 0.48 -14.58
N GLY B 48 -19.81 -0.35 -13.61
CA GLY B 48 -18.46 -0.33 -13.08
C GLY B 48 -17.45 -0.80 -14.12
N MET B 49 -16.33 -0.09 -14.17
CA MET B 49 -15.21 -0.50 -15.02
C MET B 49 -13.96 -0.49 -14.17
N HIS B 50 -13.26 -1.63 -14.12
CA HIS B 50 -12.13 -1.73 -13.22
C HIS B 50 -11.00 -2.48 -13.88
N ILE B 51 -9.81 -2.26 -13.34
CA ILE B 51 -8.68 -3.08 -13.67
C ILE B 51 -8.53 -4.14 -12.61
N HIS B 52 -8.60 -5.39 -13.04
CA HIS B 52 -8.47 -6.52 -12.16
C HIS B 52 -7.06 -7.07 -12.31
N THR B 53 -6.63 -7.79 -11.29
CA THR B 53 -5.21 -8.05 -11.12
C THR B 53 -4.62 -8.91 -12.21
N PHE B 54 -5.31 -9.97 -12.61
CA PHE B 54 -4.72 -10.97 -13.48
C PHE B 54 -5.26 -10.84 -14.88
N GLY B 55 -4.34 -10.97 -15.85
CA GLY B 55 -4.73 -11.00 -17.24
C GLY B 55 -4.96 -12.44 -17.66
N ASP B 56 -5.73 -13.14 -16.85
CA ASP B 56 -5.94 -14.58 -16.99
C ASP B 56 -7.39 -14.75 -17.37
N ASN B 57 -7.64 -15.21 -18.60
CA ASN B 57 -8.99 -15.46 -19.07
C ASN B 57 -9.30 -16.95 -19.17
N THR B 58 -8.54 -17.78 -18.47
CA THR B 58 -8.70 -19.22 -18.67
C THR B 58 -10.09 -19.68 -18.27
N ASN B 59 -10.66 -19.07 -17.23
CA ASN B 59 -12.02 -19.34 -16.76
C ASN B 59 -12.95 -18.14 -17.04
N GLY B 60 -12.81 -17.53 -18.21
CA GLY B 60 -13.59 -16.33 -18.46
C GLY B 60 -13.14 -15.19 -17.54
N CYS B 61 -14.01 -14.19 -17.42
CA CYS B 61 -13.66 -12.99 -16.66
C CYS B 61 -13.46 -13.26 -15.17
N THR B 62 -13.95 -14.38 -14.65
CA THR B 62 -13.71 -14.70 -13.24
C THR B 62 -12.21 -14.85 -12.94
N SER B 63 -11.44 -15.40 -13.88
CA SER B 63 -10.05 -15.63 -13.54
C SER B 63 -9.20 -14.36 -13.56
N ALA B 64 -9.79 -13.20 -13.87
CA ALA B 64 -9.07 -11.95 -13.70
C ALA B 64 -8.85 -11.61 -12.23
N GLY B 65 -9.56 -12.26 -11.33
CA GLY B 65 -9.31 -12.06 -9.94
C GLY B 65 -9.91 -10.75 -9.49
N PRO B 66 -9.39 -10.23 -8.40
CA PRO B 66 -9.98 -9.05 -7.77
C PRO B 66 -9.43 -7.79 -8.39
N HIS B 67 -9.83 -6.65 -7.85
CA HIS B 67 -9.30 -5.39 -8.36
C HIS B 67 -7.82 -5.30 -8.13
N PHE B 68 -7.12 -4.75 -9.10
CA PHE B 68 -5.69 -4.56 -8.96
C PHE B 68 -5.42 -3.60 -7.81
N ASN B 69 -4.63 -4.08 -6.86
CA ASN B 69 -4.53 -3.37 -5.59
C ASN B 69 -3.12 -3.48 -5.03
N PRO B 70 -2.10 -3.05 -5.78
CA PRO B 70 -0.73 -3.23 -5.27
C PRO B 70 -0.47 -2.46 -3.99
N HIS B 71 -1.23 -1.39 -3.74
CA HIS B 71 -0.97 -0.57 -2.57
C HIS B 71 -1.79 -1.01 -1.35
N GLY B 72 -2.60 -2.05 -1.48
CA GLY B 72 -3.19 -2.64 -0.29
C GLY B 72 -4.29 -1.80 0.32
N LYS B 73 -5.06 -1.09 -0.52
CA LYS B 73 -6.13 -0.24 -0.04
C LYS B 73 -7.48 -0.94 -0.12
N THR B 74 -8.50 -0.26 0.37
CA THR B 74 -9.84 -0.76 0.15
C THR B 74 -10.44 -0.12 -1.09
N HIS B 75 -11.60 -0.63 -1.48
CA HIS B 75 -12.21 -0.19 -2.72
C HIS B 75 -12.80 1.21 -2.55
N GLY B 76 -12.62 2.02 -3.58
CA GLY B 76 -13.09 3.38 -3.50
C GLY B 76 -13.42 3.99 -4.84
N ALA B 77 -13.71 5.28 -4.81
CA ALA B 77 -13.89 6.05 -6.02
C ALA B 77 -12.53 6.40 -6.60
N PRO B 78 -12.46 6.62 -7.89
CA PRO B 78 -11.19 7.09 -8.46
C PRO B 78 -10.64 8.30 -7.76
N THR B 79 -11.48 9.22 -7.28
CA THR B 79 -10.99 10.44 -6.65
C THR B 79 -10.55 10.22 -5.21
N ASP B 80 -10.85 9.06 -4.64
CA ASP B 80 -10.53 8.80 -3.25
C ASP B 80 -9.06 8.49 -3.06
N GLU B 81 -8.55 8.85 -1.89
CA GLU B 81 -7.20 8.43 -1.53
C GLU B 81 -7.17 6.93 -1.26
N ASN B 82 -8.20 6.41 -0.62
CA ASN B 82 -8.26 5.02 -0.21
C ASN B 82 -9.06 4.30 -1.29
N ARG B 83 -8.35 3.81 -2.31
CA ARG B 83 -8.93 3.14 -3.44
C ARG B 83 -7.93 2.14 -3.95
N HIS B 84 -8.43 1.15 -4.66
CA HIS B 84 -7.56 0.27 -5.44
C HIS B 84 -7.05 1.00 -6.67
N VAL B 85 -5.83 0.64 -7.11
CA VAL B 85 -5.37 1.16 -8.39
C VAL B 85 -6.42 0.90 -9.46
N GLY B 86 -7.03 -0.27 -9.44
CA GLY B 86 -7.95 -0.63 -10.49
C GLY B 86 -9.32 0.03 -10.41
N ASP B 87 -9.55 0.95 -9.48
CA ASP B 87 -10.87 1.54 -9.26
C ASP B 87 -11.07 2.72 -10.18
N LEU B 88 -11.68 2.45 -11.34
CA LEU B 88 -11.94 3.49 -12.33
C LEU B 88 -13.39 3.96 -12.28
N GLY B 89 -14.12 3.57 -11.24
CA GLY B 89 -15.47 4.05 -11.06
C GLY B 89 -16.42 3.50 -12.11
N ASN B 90 -17.41 4.31 -12.46
CA ASN B 90 -18.44 3.89 -13.39
C ASN B 90 -18.28 4.58 -14.71
N ILE B 91 -18.71 3.88 -15.76
CA ILE B 91 -18.90 4.48 -17.05
C ILE B 91 -20.39 4.69 -17.23
N GLU B 92 -20.76 5.65 -18.07
CA GLU B 92 -22.16 5.97 -18.32
C GLU B 92 -22.54 5.44 -19.69
N THR B 93 -23.64 4.69 -19.77
CA THR B 93 -24.11 4.23 -21.08
C THR B 93 -25.28 5.10 -21.54
N ASP B 94 -25.38 5.24 -22.86
CA ASP B 94 -26.38 6.13 -23.42
C ASP B 94 -27.64 5.34 -23.72
N ALA B 95 -28.59 5.95 -24.43
CA ALA B 95 -29.86 5.29 -24.64
C ALA B 95 -29.73 4.01 -25.46
N ASN B 96 -28.60 3.84 -26.16
CA ASN B 96 -28.34 2.66 -26.96
C ASN B 96 -27.46 1.63 -26.26
N GLY B 97 -27.09 1.85 -25.01
CA GLY B 97 -26.20 0.92 -24.33
C GLY B 97 -24.73 1.14 -24.62
N ASN B 98 -24.39 2.29 -25.18
CA ASN B 98 -23.01 2.58 -25.58
C ASN B 98 -22.39 3.56 -24.61
N SER B 99 -21.07 3.47 -24.46
CA SER B 99 -20.37 4.42 -23.61
C SER B 99 -19.06 4.80 -24.26
N LYS B 100 -18.89 6.08 -24.56
CA LYS B 100 -17.61 6.62 -24.99
C LYS B 100 -17.18 7.65 -23.97
N GLY B 101 -15.94 7.54 -23.52
CA GLY B 101 -15.48 8.52 -22.55
C GLY B 101 -13.98 8.48 -22.47
N THR B 102 -13.42 9.48 -21.81
CA THR B 102 -11.99 9.54 -21.63
C THR B 102 -11.70 10.25 -20.33
N MET B 103 -10.75 9.72 -19.58
CA MET B 103 -10.32 10.41 -18.38
C MET B 103 -8.90 9.98 -18.11
N THR B 104 -8.18 10.81 -17.37
CA THR B 104 -6.90 10.34 -16.84
C THR B 104 -7.13 9.70 -15.49
N ASP B 105 -6.16 8.91 -15.07
CA ASP B 105 -6.13 8.41 -13.71
C ASP B 105 -4.73 8.60 -13.18
N HIS B 106 -4.63 8.93 -11.91
CA HIS B 106 -3.34 9.26 -11.33
C HIS B 106 -2.67 8.08 -10.66
N LEU B 107 -3.38 6.95 -10.51
CA LEU B 107 -2.78 5.73 -9.97
C LEU B 107 -2.48 4.67 -11.01
N VAL B 108 -3.25 4.63 -12.10
CA VAL B 108 -3.02 3.60 -13.11
C VAL B 108 -1.79 3.96 -13.90
N LYS B 109 -0.85 3.02 -13.97
CA LYS B 109 0.37 3.22 -14.72
C LYS B 109 0.55 2.12 -15.75
N LEU B 110 1.17 2.48 -16.88
CA LEU B 110 1.61 1.51 -17.87
C LEU B 110 3.09 1.22 -17.74
N ILE B 111 3.80 2.05 -17.03
CA ILE B 111 5.25 2.00 -16.96
C ILE B 111 5.61 1.78 -15.51
N GLY B 112 6.57 0.90 -15.27
CA GLY B 112 7.09 0.73 -13.94
C GLY B 112 6.50 -0.45 -13.22
N PRO B 113 6.82 -0.56 -11.94
CA PRO B 113 6.49 -1.80 -11.23
C PRO B 113 5.01 -1.97 -10.97
N GLU B 114 4.20 -0.92 -11.04
CA GLU B 114 2.77 -1.08 -10.88
C GLU B 114 2.05 -1.08 -12.22
N SER B 115 2.77 -1.38 -13.29
CA SER B 115 2.15 -1.42 -14.60
C SER B 115 0.92 -2.29 -14.60
N VAL B 116 -0.12 -1.83 -15.30
CA VAL B 116 -1.30 -2.64 -15.53
C VAL B 116 -1.23 -3.37 -16.87
N ILE B 117 -0.11 -3.24 -17.60
CA ILE B 117 0.07 -4.05 -18.80
C ILE B 117 -0.07 -5.52 -18.40
N GLY B 118 -0.86 -6.27 -19.15
CA GLY B 118 -1.02 -7.67 -18.85
C GLY B 118 -2.06 -7.94 -17.79
N ARG B 119 -2.72 -6.91 -17.28
CA ARG B 119 -3.81 -7.13 -16.33
C ARG B 119 -5.13 -7.03 -17.09
N THR B 120 -6.26 -6.93 -16.41
CA THR B 120 -7.53 -7.10 -17.10
C THR B 120 -8.42 -5.90 -16.84
N VAL B 121 -9.04 -5.36 -17.90
CA VAL B 121 -10.18 -4.46 -17.72
C VAL B 121 -11.42 -5.31 -17.66
N VAL B 122 -12.25 -5.09 -16.63
CA VAL B 122 -13.55 -5.74 -16.53
C VAL B 122 -14.61 -4.65 -16.60
N VAL B 123 -15.57 -4.81 -17.51
CA VAL B 123 -16.77 -3.99 -17.51
C VAL B 123 -17.84 -4.78 -16.77
N HIS B 124 -18.38 -4.20 -15.70
CA HIS B 124 -19.26 -4.95 -14.85
C HIS B 124 -20.71 -4.82 -15.29
N ALA B 125 -21.54 -5.71 -14.73
CA ALA B 125 -22.97 -5.73 -15.04
C ALA B 125 -23.74 -4.73 -14.23
N GLY B 126 -23.19 -4.28 -13.11
CA GLY B 126 -23.86 -3.37 -12.22
C GLY B 126 -23.07 -2.11 -11.97
N THR B 127 -23.60 -1.28 -11.09
CA THR B 127 -23.00 0.00 -10.73
C THR B 127 -22.05 -0.16 -9.56
N ASP B 128 -20.90 0.47 -9.69
CA ASP B 128 -19.93 0.57 -8.61
C ASP B 128 -20.43 1.58 -7.59
N ASP B 129 -20.63 1.13 -6.34
CA ASP B 129 -21.05 2.03 -5.28
C ASP B 129 -19.90 2.83 -4.70
N LEU B 130 -18.72 2.68 -5.30
CA LEU B 130 -17.56 3.52 -5.04
C LEU B 130 -17.06 3.35 -3.61
N GLY B 131 -17.33 2.19 -3.02
CA GLY B 131 -16.87 1.91 -1.67
C GLY B 131 -17.70 2.61 -0.62
N LYS B 132 -18.87 3.10 -0.98
CA LYS B 132 -19.71 3.89 -0.09
C LYS B 132 -20.92 3.11 0.37
N GLY B 133 -20.96 1.80 0.13
CA GLY B 133 -22.16 1.00 0.38
C GLY B 133 -22.34 0.55 1.80
N GLY B 134 -21.33 0.74 2.65
CA GLY B 134 -21.48 0.41 4.05
C GLY B 134 -21.40 -1.07 4.40
N ASN B 135 -21.02 -1.93 3.47
CA ASN B 135 -20.80 -3.33 3.80
C ASN B 135 -19.41 -3.72 3.32
N GLU B 136 -18.97 -4.88 3.77
CA GLU B 136 -17.61 -5.31 3.46
C GLU B 136 -17.42 -5.49 1.96
N GLU B 137 -18.46 -5.95 1.29
CA GLU B 137 -18.37 -6.13 -0.15
C GLU B 137 -18.12 -4.80 -0.84
N SER B 138 -18.77 -3.75 -0.38
CA SER B 138 -18.53 -2.43 -0.97
C SER B 138 -17.06 -2.08 -0.94
N LEU B 139 -16.38 -2.37 0.17
CA LEU B 139 -14.96 -2.04 0.27
C LEU B 139 -14.07 -3.06 -0.43
N LYS B 140 -14.64 -4.11 -1.01
CA LYS B 140 -13.85 -5.00 -1.85
C LYS B 140 -14.10 -4.75 -3.32
N THR B 141 -15.37 -4.76 -3.75
CA THR B 141 -15.71 -4.73 -5.16
C THR B 141 -16.58 -3.55 -5.55
N GLY B 142 -17.11 -2.80 -4.59
CA GLY B 142 -18.08 -1.80 -4.94
C GLY B 142 -19.45 -2.35 -5.30
N ASN B 143 -19.67 -3.64 -5.05
CA ASN B 143 -20.96 -4.26 -5.32
C ASN B 143 -21.36 -4.09 -6.79
N ALA B 144 -20.39 -4.15 -7.69
CA ALA B 144 -20.68 -3.82 -9.08
C ALA B 144 -21.17 -5.00 -9.89
N GLY B 145 -21.35 -6.15 -9.27
CA GLY B 145 -22.00 -7.25 -9.93
C GLY B 145 -21.04 -7.99 -10.84
N PRO B 146 -21.59 -8.89 -11.62
CA PRO B 146 -20.75 -9.81 -12.40
C PRO B 146 -20.01 -9.14 -13.54
N ARG B 147 -19.39 -9.97 -14.40
CA ARG B 147 -18.34 -9.51 -15.31
C ARG B 147 -18.74 -9.85 -16.75
N PRO B 148 -19.64 -9.09 -17.35
CA PRO B 148 -20.09 -9.43 -18.71
C PRO B 148 -19.02 -9.32 -19.76
N ALA B 149 -17.97 -8.56 -19.53
CA ALA B 149 -16.94 -8.41 -20.55
C ALA B 149 -15.64 -8.06 -19.87
N CYS B 150 -14.56 -8.60 -20.41
CA CYS B 150 -13.24 -8.25 -19.91
C CYS B 150 -12.26 -8.39 -21.05
N GLY B 151 -11.08 -7.84 -20.86
CA GLY B 151 -10.03 -8.04 -21.83
C GLY B 151 -8.70 -7.74 -21.19
N VAL B 152 -7.67 -8.41 -21.67
CA VAL B 152 -6.32 -8.20 -21.16
C VAL B 152 -5.76 -6.93 -21.75
N ILE B 153 -5.08 -6.15 -20.92
CA ILE B 153 -4.49 -4.88 -21.36
C ILE B 153 -3.21 -5.21 -22.10
N GLY B 154 -3.24 -5.04 -23.41
CA GLY B 154 -2.10 -5.39 -24.23
C GLY B 154 -1.40 -4.20 -24.82
N ILE B 155 -0.13 -4.38 -25.14
CA ILE B 155 0.65 -3.32 -25.72
C ILE B 155 0.14 -3.02 -27.12
N ALA B 156 -0.08 -1.75 -27.39
CA ALA B 156 -0.55 -1.25 -28.67
C ALA B 156 0.61 -0.56 -29.38
N GLN B 157 0.49 -0.46 -30.69
CA GLN B 157 1.51 0.18 -31.49
C GLN B 157 1.56 1.69 -31.25
N MET C 4 -19.47 20.89 -32.77
CA MET C 4 -18.12 20.68 -32.28
C MET C 4 -17.55 21.96 -31.70
N VAL C 5 -17.74 22.20 -30.41
CA VAL C 5 -17.29 23.44 -29.79
C VAL C 5 -16.08 23.14 -28.92
N LYS C 6 -15.12 24.05 -28.95
CA LYS C 6 -13.94 23.98 -28.12
C LYS C 6 -13.79 25.26 -27.32
N ALA C 7 -13.44 25.13 -26.05
CA ALA C 7 -13.25 26.30 -25.22
C ALA C 7 -12.01 26.11 -24.38
N VAL C 8 -11.50 27.22 -23.85
CA VAL C 8 -10.31 27.15 -23.02
C VAL C 8 -10.38 28.27 -22.00
N ALA C 9 -9.92 27.96 -20.80
CA ALA C 9 -9.74 28.93 -19.74
C ALA C 9 -8.28 28.90 -19.36
N VAL C 10 -7.67 30.07 -19.33
CA VAL C 10 -6.30 30.23 -18.88
C VAL C 10 -6.39 30.82 -17.49
N VAL C 11 -5.94 30.09 -16.48
CA VAL C 11 -6.19 30.52 -15.12
C VAL C 11 -4.96 31.17 -14.52
N ARG C 12 -5.19 32.21 -13.72
CA ARG C 12 -4.14 32.88 -12.99
C ARG C 12 -4.83 33.65 -11.87
N GLY C 13 -4.04 34.13 -10.92
CA GLY C 13 -4.61 34.91 -9.85
C GLY C 13 -3.55 35.37 -8.90
N ASP C 14 -3.97 35.64 -7.68
CA ASP C 14 -3.09 36.16 -6.65
C ASP C 14 -2.30 34.98 -6.05
N SER C 15 -1.47 34.37 -6.89
CA SER C 15 -0.80 33.15 -6.51
C SER C 15 0.13 32.75 -7.63
N LYS C 16 0.86 31.66 -7.46
CA LYS C 16 1.67 31.14 -8.55
C LYS C 16 0.95 30.04 -9.32
N VAL C 17 -0.32 29.78 -8.99
CA VAL C 17 -1.08 28.78 -9.72
C VAL C 17 -1.48 29.36 -11.07
N THR C 18 -1.09 28.67 -12.13
CA THR C 18 -1.48 29.03 -13.48
C THR C 18 -1.75 27.76 -14.25
N GLY C 19 -2.31 27.91 -15.43
CA GLY C 19 -2.47 26.80 -16.31
C GLY C 19 -3.66 27.00 -17.21
N THR C 20 -4.03 25.91 -17.88
CA THR C 20 -5.07 25.95 -18.89
C THR C 20 -6.05 24.84 -18.62
N VAL C 21 -7.31 25.13 -18.85
CA VAL C 21 -8.34 24.12 -18.78
C VAL C 21 -9.08 24.18 -20.09
N THR C 22 -9.12 23.06 -20.80
CA THR C 22 -9.79 23.04 -22.09
C THR C 22 -11.06 22.21 -21.99
N PHE C 23 -11.97 22.52 -22.90
CA PHE C 23 -13.29 21.93 -22.93
C PHE C 23 -13.59 21.61 -24.36
N GLU C 24 -14.10 20.41 -24.64
CA GLU C 24 -14.63 20.22 -25.96
C GLU C 24 -15.90 19.39 -25.87
N GLN C 25 -16.84 19.73 -26.75
CA GLN C 25 -18.15 19.10 -26.73
C GLN C 25 -18.65 18.98 -28.16
N GLU C 26 -19.03 17.77 -28.54
CA GLU C 26 -19.47 17.51 -29.91
C GLU C 26 -20.87 18.08 -30.17
N SER C 27 -21.76 17.97 -29.20
CA SER C 27 -23.14 18.41 -29.39
C SER C 27 -23.72 18.68 -28.01
N GLU C 28 -24.87 19.36 -27.97
CA GLU C 28 -25.40 19.81 -26.69
CA GLU C 28 -25.42 19.81 -26.68
C GLU C 28 -25.62 18.65 -25.73
N SER C 29 -26.02 17.49 -26.25
CA SER C 29 -26.32 16.35 -25.40
C SER C 29 -25.10 15.48 -25.13
N SER C 30 -24.00 15.73 -25.83
CA SER C 30 -22.79 14.95 -25.66
C SER C 30 -22.08 15.36 -24.37
N PRO C 31 -21.28 14.47 -23.79
CA PRO C 31 -20.44 14.89 -22.66
C PRO C 31 -19.42 15.91 -23.13
N THR C 32 -18.93 16.67 -22.17
CA THR C 32 -17.87 17.62 -22.42
C THR C 32 -16.60 17.02 -21.85
N ILE C 33 -15.55 17.00 -22.68
CA ILE C 33 -14.25 16.53 -22.25
C ILE C 33 -13.48 17.72 -21.74
N ILE C 34 -12.99 17.62 -20.51
CA ILE C 34 -12.33 18.73 -19.86
C ILE C 34 -10.91 18.28 -19.55
N THR C 35 -9.94 19.07 -19.97
CA THR C 35 -8.54 18.75 -19.73
CA THR C 35 -8.54 18.74 -19.70
C THR C 35 -7.90 19.92 -18.98
N TRP C 36 -7.10 19.61 -17.98
CA TRP C 36 -6.44 20.65 -17.25
C TRP C 36 -4.94 20.41 -17.26
N ASP C 37 -4.21 21.51 -17.23
CA ASP C 37 -2.75 21.48 -17.20
C ASP C 37 -2.40 22.63 -16.26
N ILE C 38 -2.21 22.30 -14.99
CA ILE C 38 -2.07 23.28 -13.92
C ILE C 38 -0.68 23.14 -13.34
N THR C 39 -0.05 24.28 -13.04
CA THR C 39 1.27 24.31 -12.44
CA THR C 39 1.27 24.32 -12.44
C THR C 39 1.26 25.29 -11.27
N GLY C 40 2.24 25.14 -10.39
CA GLY C 40 2.43 26.09 -9.31
C GLY C 40 1.58 25.86 -8.08
N HIS C 41 0.96 24.69 -7.96
CA HIS C 41 0.13 24.46 -6.81
C HIS C 41 0.92 23.74 -5.73
N ASP C 42 0.24 23.48 -4.61
CA ASP C 42 0.82 22.68 -3.56
C ASP C 42 1.11 21.28 -4.09
N PRO C 43 2.22 20.67 -3.69
CA PRO C 43 2.54 19.32 -4.16
C PRO C 43 1.70 18.26 -3.45
N ASN C 44 1.53 17.13 -4.14
CA ASN C 44 0.91 15.93 -3.56
C ASN C 44 -0.42 16.26 -2.89
N ALA C 45 -1.29 16.96 -3.59
CA ALA C 45 -2.46 17.50 -2.94
C ALA C 45 -3.70 17.26 -3.78
N LYS C 46 -4.85 17.38 -3.13
CA LYS C 46 -6.16 17.33 -3.78
C LYS C 46 -6.70 18.75 -3.72
N ARG C 47 -7.00 19.33 -4.89
CA ARG C 47 -7.41 20.73 -4.94
C ARG C 47 -8.69 20.87 -5.74
N GLY C 48 -9.62 21.65 -5.20
CA GLY C 48 -10.93 21.78 -5.84
C GLY C 48 -10.83 22.57 -7.13
N MET C 49 -11.62 22.17 -8.11
CA MET C 49 -11.66 22.91 -9.36
C MET C 49 -13.11 22.99 -9.77
N HIS C 50 -13.62 24.20 -9.98
CA HIS C 50 -15.02 24.36 -10.24
C HIS C 50 -15.24 25.39 -11.33
N ILE C 51 -16.40 25.29 -11.93
CA ILE C 51 -16.88 26.32 -12.84
C ILE C 51 -17.78 27.21 -12.02
N HIS C 52 -17.42 28.48 -11.93
CA HIS C 52 -18.21 29.45 -11.19
C HIS C 52 -19.04 30.26 -12.18
N THR C 53 -20.10 30.89 -11.66
CA THR C 53 -21.17 31.36 -12.54
C THR C 53 -20.72 32.46 -13.49
N PHE C 54 -19.91 33.39 -13.01
CA PHE C 54 -19.68 34.65 -13.71
C PHE C 54 -18.27 34.67 -14.27
N GLY C 55 -18.16 35.06 -15.54
CA GLY C 55 -16.87 35.24 -16.12
C GLY C 55 -16.45 36.67 -15.86
N ASP C 56 -16.54 37.06 -14.60
CA ASP C 56 -16.27 38.42 -14.17
C ASP C 56 -15.01 38.41 -13.32
N ASN C 57 -13.96 39.08 -13.78
CA ASN C 57 -12.71 39.16 -13.05
C ASN C 57 -12.43 40.58 -12.56
N THR C 58 -13.45 41.41 -12.44
CA THR C 58 -13.22 42.80 -12.07
C THR C 58 -12.63 42.90 -10.66
N ASN C 59 -13.02 41.99 -9.79
CA ASN C 59 -12.52 41.92 -8.42
C ASN C 59 -11.70 40.65 -8.24
N GLY C 60 -10.91 40.31 -9.25
CA GLY C 60 -10.17 39.06 -9.16
C GLY C 60 -11.11 37.86 -9.19
N CYS C 61 -10.65 36.76 -8.62
CA CYS C 61 -11.44 35.54 -8.69
C CYS C 61 -12.70 35.60 -7.83
N THR C 62 -12.77 36.54 -6.90
CA THR C 62 -13.97 36.70 -6.08
C THR C 62 -15.17 37.06 -6.93
N SER C 63 -14.98 37.88 -7.98
CA SER C 63 -16.15 38.28 -8.73
C SER C 63 -16.68 37.17 -9.64
N ALA C 64 -16.04 36.00 -9.66
CA ALA C 64 -16.64 34.89 -10.37
C ALA C 64 -17.92 34.37 -9.72
N GLY C 65 -18.22 34.79 -8.50
CA GLY C 65 -19.45 34.38 -7.89
C GLY C 65 -19.37 32.93 -7.46
N PRO C 66 -20.50 32.31 -7.27
CA PRO C 66 -20.52 30.96 -6.71
C PRO C 66 -20.40 29.89 -7.78
N HIS C 67 -20.53 28.63 -7.38
CA HIS C 67 -20.50 27.55 -8.34
C HIS C 67 -21.65 27.65 -9.31
N PHE C 68 -21.37 27.43 -10.59
CA PHE C 68 -22.44 27.45 -11.58
C PHE C 68 -23.43 26.35 -11.26
N ASN C 69 -24.67 26.73 -11.01
CA ASN C 69 -25.66 25.79 -10.50
C ASN C 69 -27.02 26.09 -11.13
N PRO C 70 -27.12 25.98 -12.44
CA PRO C 70 -28.38 26.32 -13.09
C PRO C 70 -29.50 25.39 -12.70
N HIS C 71 -29.21 24.17 -12.25
CA HIS C 71 -30.27 23.22 -11.93
C HIS C 71 -30.63 23.22 -10.46
N GLY C 72 -30.02 24.08 -9.65
CA GLY C 72 -30.47 24.30 -8.29
C GLY C 72 -30.17 23.15 -7.34
N LYS C 73 -29.03 22.50 -7.50
CA LYS C 73 -28.68 21.35 -6.70
C LYS C 73 -27.73 21.76 -5.59
N THR C 74 -27.46 20.82 -4.69
CA THR C 74 -26.43 21.03 -3.70
C THR C 74 -25.08 20.66 -4.31
N HIS C 75 -24.05 21.15 -3.66
CA HIS C 75 -22.68 20.87 -4.07
C HIS C 75 -22.40 19.39 -3.91
N GLY C 76 -21.71 18.82 -4.89
CA GLY C 76 -21.43 17.41 -4.81
C GLY C 76 -20.15 17.05 -5.53
N ALA C 77 -19.87 15.76 -5.64
CA ALA C 77 -18.80 15.32 -6.50
C ALA C 77 -19.30 15.24 -7.92
N PRO C 78 -18.39 15.30 -8.90
CA PRO C 78 -18.78 15.11 -10.31
C PRO C 78 -19.62 13.87 -10.52
N THR C 79 -19.36 12.82 -9.72
CA THR C 79 -20.07 11.57 -9.89
C THR C 79 -21.47 11.59 -9.29
N ASP C 80 -21.82 12.65 -8.56
CA ASP C 80 -23.08 12.69 -7.83
C ASP C 80 -24.22 13.16 -8.71
N GLU C 81 -25.39 12.52 -8.54
CA GLU C 81 -26.62 13.08 -9.05
C GLU C 81 -26.82 14.51 -8.56
N ASN C 82 -26.67 14.72 -7.26
CA ASN C 82 -26.85 16.02 -6.63
C ASN C 82 -25.52 16.74 -6.67
N ARG C 83 -25.32 17.52 -7.71
CA ARG C 83 -24.11 18.30 -7.84
C ARG C 83 -24.46 19.55 -8.63
N HIS C 84 -23.67 20.58 -8.43
CA HIS C 84 -23.71 21.73 -9.31
C HIS C 84 -23.10 21.35 -10.64
N VAL C 85 -23.58 21.99 -11.71
CA VAL C 85 -22.92 21.79 -12.99
C VAL C 85 -21.43 22.07 -12.87
N GLY C 86 -21.07 23.10 -12.14
CA GLY C 86 -19.68 23.51 -12.00
C GLY C 86 -18.79 22.63 -11.14
N ASP C 87 -19.30 21.52 -10.60
CA ASP C 87 -18.59 20.73 -9.60
C ASP C 87 -17.71 19.71 -10.31
N LEU C 88 -16.46 20.09 -10.54
CA LEU C 88 -15.50 19.22 -11.21
C LEU C 88 -14.62 18.45 -10.23
N GLY C 89 -14.92 18.56 -8.94
CA GLY C 89 -14.22 17.81 -7.92
C GLY C 89 -12.80 18.26 -7.69
N ASN C 90 -11.98 17.31 -7.27
CA ASN C 90 -10.59 17.59 -6.95
C ASN C 90 -9.69 17.18 -8.08
N ILE C 91 -8.73 18.03 -8.39
CA ILE C 91 -7.60 17.62 -9.21
C ILE C 91 -6.47 17.16 -8.28
N GLU C 92 -5.58 16.35 -8.82
CA GLU C 92 -4.48 15.75 -8.07
C GLU C 92 -3.18 16.40 -8.53
N THR C 93 -2.45 17.00 -7.60
CA THR C 93 -1.16 17.59 -7.93
C THR C 93 -0.03 16.62 -7.62
N ASP C 94 1.01 16.68 -8.44
CA ASP C 94 2.13 15.77 -8.30
C ASP C 94 3.13 16.36 -7.32
N ALA C 95 4.30 15.75 -7.20
CA ALA C 95 5.29 16.21 -6.23
C ALA C 95 5.78 17.62 -6.53
N ASN C 96 5.59 18.11 -7.74
CA ASN C 96 6.01 19.44 -8.14
C ASN C 96 4.87 20.44 -8.16
N GLY C 97 3.70 20.05 -7.66
CA GLY C 97 2.55 20.92 -7.64
C GLY C 97 1.91 21.11 -8.99
N ASN C 98 2.12 20.19 -9.93
CA ASN C 98 1.52 20.23 -11.25
C ASN C 98 0.38 19.23 -11.31
N SER C 99 -0.66 19.56 -12.07
CA SER C 99 -1.76 18.64 -12.26
C SER C 99 -2.17 18.68 -13.72
N LYS C 100 -2.08 17.53 -14.37
CA LYS C 100 -2.48 17.35 -15.75
C LYS C 100 -3.55 16.28 -15.72
N GLY C 101 -4.72 16.57 -16.25
CA GLY C 101 -5.69 15.50 -16.24
C GLY C 101 -6.74 15.76 -17.29
N THR C 102 -7.58 14.75 -17.47
CA THR C 102 -8.72 14.80 -18.36
C THR C 102 -9.91 14.17 -17.65
N MET C 103 -11.10 14.72 -17.86
CA MET C 103 -12.32 14.09 -17.37
C MET C 103 -13.40 14.24 -18.43
N THR C 104 -14.35 13.33 -18.36
CA THR C 104 -15.55 13.39 -19.18
C THR C 104 -16.67 13.79 -18.25
N ASP C 105 -17.31 14.92 -18.55
CA ASP C 105 -18.31 15.46 -17.65
C ASP C 105 -19.67 15.40 -18.34
N HIS C 106 -20.64 14.83 -17.64
CA HIS C 106 -21.94 14.59 -18.23
C HIS C 106 -22.95 15.69 -17.98
N LEU C 107 -22.57 16.73 -17.25
CA LEU C 107 -23.46 17.86 -17.03
C LEU C 107 -22.97 19.13 -17.69
N VAL C 108 -21.66 19.33 -17.79
CA VAL C 108 -21.12 20.57 -18.33
C VAL C 108 -21.41 20.64 -19.82
N LYS C 109 -21.91 21.79 -20.26
CA LYS C 109 -22.22 22.01 -21.65
C LYS C 109 -21.46 23.23 -22.14
N LEU C 110 -21.05 23.20 -23.40
CA LEU C 110 -20.53 24.36 -24.09
C LEU C 110 -21.54 24.94 -25.06
N ILE C 111 -22.67 24.26 -25.21
CA ILE C 111 -23.67 24.51 -26.25
C ILE C 111 -25.00 24.64 -25.55
N GLY C 112 -25.78 25.64 -25.92
CA GLY C 112 -27.13 25.75 -25.43
C GLY C 112 -27.22 26.63 -24.21
N PRO C 113 -28.42 26.69 -23.61
CA PRO C 113 -28.67 27.67 -22.55
C PRO C 113 -27.84 27.48 -21.30
N GLU C 114 -27.34 26.27 -21.01
CA GLU C 114 -26.52 26.06 -19.83
C GLU C 114 -25.04 26.13 -20.14
N SER C 115 -24.68 26.68 -21.30
CA SER C 115 -23.28 26.76 -21.68
C SER C 115 -22.47 27.42 -20.58
N VAL C 116 -21.26 26.88 -20.38
CA VAL C 116 -20.31 27.51 -19.47
C VAL C 116 -19.37 28.44 -20.20
N ILE C 117 -19.50 28.61 -21.51
CA ILE C 117 -18.73 29.64 -22.22
CA ILE C 117 -18.69 29.62 -22.19
C ILE C 117 -18.99 30.97 -21.55
N GLY C 118 -17.94 31.70 -21.25
CA GLY C 118 -18.04 32.98 -20.58
C GLY C 118 -18.18 32.89 -19.08
N ARG C 119 -18.14 31.69 -18.51
CA ARG C 119 -18.09 31.55 -17.07
C ARG C 119 -16.65 31.30 -16.65
N THR C 120 -16.42 30.94 -15.40
CA THR C 120 -15.06 31.00 -14.88
C THR C 120 -14.67 29.63 -14.34
N VAL C 121 -13.49 29.17 -14.70
CA VAL C 121 -12.89 28.04 -13.99
C VAL C 121 -12.10 28.60 -12.84
N VAL C 122 -12.34 28.09 -11.64
CA VAL C 122 -11.55 28.48 -10.47
C VAL C 122 -10.81 27.26 -9.98
N VAL C 123 -9.51 27.42 -9.77
CA VAL C 123 -8.72 26.40 -9.09
C VAL C 123 -8.58 26.85 -7.64
N HIS C 124 -9.05 26.02 -6.72
CA HIS C 124 -9.08 26.41 -5.33
C HIS C 124 -7.79 26.06 -4.60
N ALA C 125 -7.69 26.63 -3.39
CA ALA C 125 -6.49 26.45 -2.60
C ALA C 125 -6.55 25.21 -1.75
N GLY C 126 -7.73 24.67 -1.53
CA GLY C 126 -7.91 23.53 -0.67
C GLY C 126 -8.66 22.41 -1.35
N THR C 127 -8.89 21.36 -0.57
CA THR C 127 -9.57 20.18 -1.06
C THR C 127 -11.08 20.36 -0.99
N ASP C 128 -11.75 20.00 -2.08
CA ASP C 128 -13.19 19.95 -2.14
C ASP C 128 -13.68 18.76 -1.32
N ASP C 129 -14.50 19.01 -0.31
CA ASP C 129 -15.06 17.91 0.48
C ASP C 129 -16.25 17.24 -0.21
N LEU C 130 -16.54 17.63 -1.45
CA LEU C 130 -17.53 16.96 -2.30
C LEU C 130 -18.93 16.97 -1.71
N GLY C 131 -19.22 17.96 -0.89
CA GLY C 131 -20.55 18.04 -0.33
C GLY C 131 -20.75 17.14 0.85
N LYS C 132 -19.70 16.47 1.33
CA LYS C 132 -19.83 15.49 2.39
C LYS C 132 -19.16 15.95 3.68
N GLY C 133 -19.04 17.27 3.87
CA GLY C 133 -18.43 17.80 5.08
C GLY C 133 -19.41 17.98 6.23
N GLY C 134 -20.69 17.82 5.98
CA GLY C 134 -21.68 17.81 7.03
C GLY C 134 -22.06 19.17 7.55
N ASN C 135 -21.69 20.25 6.86
CA ASN C 135 -22.11 21.58 7.25
C ASN C 135 -22.71 22.29 6.04
N GLU C 136 -23.29 23.46 6.31
CA GLU C 136 -23.94 24.24 5.26
C GLU C 136 -22.96 24.61 4.16
N GLU C 137 -21.76 25.02 4.55
CA GLU C 137 -20.76 25.45 3.56
C GLU C 137 -20.38 24.29 2.64
N SER C 138 -20.33 23.08 3.19
CA SER C 138 -19.99 21.92 2.36
C SER C 138 -20.96 21.77 1.21
N LEU C 139 -22.25 21.94 1.47
CA LEU C 139 -23.31 21.79 0.47
C LEU C 139 -23.35 22.97 -0.49
N LYS C 140 -22.60 24.02 -0.23
CA LYS C 140 -22.54 25.17 -1.10
C LYS C 140 -21.24 25.20 -1.90
N THR C 141 -20.10 25.07 -1.24
CA THR C 141 -18.81 25.23 -1.88
C THR C 141 -17.89 24.01 -1.79
N GLY C 142 -18.24 23.01 -1.00
CA GLY C 142 -17.27 21.97 -0.71
C GLY C 142 -16.13 22.38 0.19
N ASN C 143 -16.17 23.57 0.81
CA ASN C 143 -15.10 24.00 1.71
C ASN C 143 -13.72 23.92 1.07
N ALA C 144 -13.63 24.23 -0.23
CA ALA C 144 -12.36 24.08 -0.92
C ALA C 144 -11.46 25.29 -0.79
N GLY C 145 -11.86 26.27 0.02
CA GLY C 145 -10.97 27.35 0.34
C GLY C 145 -10.96 28.45 -0.71
N PRO C 146 -9.93 29.28 -0.62
CA PRO C 146 -9.83 30.47 -1.49
C PRO C 146 -9.53 30.11 -2.93
N ARG C 147 -9.32 31.14 -3.73
CA ARG C 147 -9.31 31.04 -5.19
C ARG C 147 -7.98 31.54 -5.72
N PRO C 148 -6.93 30.72 -5.65
CA PRO C 148 -5.61 31.18 -6.11
C PRO C 148 -5.56 31.44 -7.61
N ALA C 149 -6.45 30.84 -8.39
CA ALA C 149 -6.38 31.10 -9.81
C ALA C 149 -7.73 30.89 -10.46
N CYS C 150 -7.96 31.65 -11.52
CA CYS C 150 -9.22 31.51 -12.23
C CYS C 150 -9.03 32.05 -13.62
N GLY C 151 -9.96 31.70 -14.49
CA GLY C 151 -9.90 32.20 -15.85
C GLY C 151 -11.26 32.09 -16.48
N VAL C 152 -11.57 33.00 -17.40
CA VAL C 152 -12.84 32.93 -18.12
C VAL C 152 -12.76 31.87 -19.20
N ILE C 153 -13.83 31.12 -19.35
CA ILE C 153 -13.93 30.07 -20.35
C ILE C 153 -14.22 30.74 -21.69
N GLY C 154 -13.25 30.67 -22.59
CA GLY C 154 -13.36 31.37 -23.85
C GLY C 154 -13.41 30.43 -25.03
N ILE C 155 -13.99 30.91 -26.13
CA ILE C 155 -14.13 30.08 -27.33
C ILE C 155 -12.76 29.88 -27.96
N ALA C 156 -12.41 28.61 -28.24
CA ALA C 156 -11.06 28.28 -28.66
C ALA C 156 -10.92 27.96 -30.14
N GLN C 157 -12.01 27.85 -30.89
CA GLN C 157 -11.87 27.67 -32.33
C GLN C 157 -13.08 28.18 -33.08
N MET D 4 19.05 -0.89 36.35
CA MET D 4 19.58 -0.30 37.57
C MET D 4 19.27 1.19 37.64
N VAL D 5 19.70 1.96 36.66
CA VAL D 5 19.45 3.40 36.65
C VAL D 5 18.22 3.68 35.80
N LYS D 6 17.38 4.56 36.28
CA LYS D 6 16.25 5.07 35.52
C LYS D 6 16.35 6.58 35.47
N ALA D 7 16.00 7.15 34.33
CA ALA D 7 16.03 8.58 34.17
C ALA D 7 14.80 9.00 33.39
N VAL D 8 14.47 10.28 33.48
CA VAL D 8 13.32 10.81 32.77
C VAL D 8 13.57 12.26 32.43
N ALA D 9 13.13 12.65 31.25
CA ALA D 9 13.10 14.04 30.82
C ALA D 9 11.66 14.41 30.53
N VAL D 10 11.20 15.49 31.12
CA VAL D 10 9.90 16.04 30.82
C VAL D 10 10.11 17.22 29.91
N VAL D 11 9.62 17.13 28.68
CA VAL D 11 9.96 18.13 27.68
C VAL D 11 8.83 19.13 27.53
N ARG D 12 9.22 20.38 27.35
CA ARG D 12 8.32 21.47 27.07
C ARG D 12 9.17 22.57 26.44
N GLY D 13 8.50 23.55 25.84
CA GLY D 13 9.22 24.67 25.30
C GLY D 13 8.25 25.69 24.74
N ASP D 14 8.75 26.47 23.79
CA ASP D 14 7.96 27.54 23.18
C ASP D 14 7.08 26.91 22.09
N SER D 15 6.15 26.09 22.54
CA SER D 15 5.31 25.33 21.63
C SER D 15 4.31 24.57 22.47
N LYS D 16 3.43 23.83 21.81
CA LYS D 16 2.51 22.97 22.52
C LYS D 16 3.04 21.55 22.64
N VAL D 17 4.27 21.30 22.18
CA VAL D 17 4.85 19.98 22.32
C VAL D 17 5.24 19.75 23.77
N THR D 18 4.70 18.69 24.37
CA THR D 18 5.12 18.27 25.69
C THR D 18 5.21 16.75 25.72
N GLY D 19 5.73 16.24 26.80
CA GLY D 19 5.77 14.81 26.97
C GLY D 19 6.92 14.40 27.84
N THR D 20 7.13 13.10 27.87
CA THR D 20 8.11 12.50 28.74
C THR D 20 8.95 11.54 27.92
N VAL D 21 10.22 11.50 28.23
CA VAL D 21 11.12 10.52 27.65
C VAL D 21 11.78 9.82 28.80
N THR D 22 11.65 8.51 28.87
CA THR D 22 12.26 7.76 29.96
C THR D 22 13.43 6.94 29.46
N PHE D 23 14.34 6.65 30.38
CA PHE D 23 15.57 5.95 30.08
C PHE D 23 15.78 4.90 31.16
N GLU D 24 16.12 3.70 30.77
CA GLU D 24 16.43 2.67 31.75
C GLU D 24 17.66 1.93 31.28
N GLN D 25 18.62 1.73 32.19
CA GLN D 25 19.83 1.02 31.83
C GLN D 25 20.25 0.14 32.99
N GLU D 26 20.47 -1.14 32.70
CA GLU D 26 20.78 -2.12 33.74
C GLU D 26 22.22 -1.96 34.21
N SER D 27 23.14 -1.74 33.30
CA SER D 27 24.54 -1.60 33.63
C SER D 27 25.20 -0.81 32.52
N GLU D 28 26.45 -0.38 32.77
CA GLU D 28 27.10 0.56 31.88
C GLU D 28 27.23 0.04 30.45
N SER D 29 27.43 -1.28 30.31
CA SER D 29 27.59 -1.89 28.99
C SER D 29 26.26 -2.36 28.40
N SER D 30 25.20 -2.31 29.17
CA SER D 30 23.89 -2.70 28.70
C SER D 30 23.31 -1.63 27.78
N PRO D 31 22.43 -2.00 26.86
CA PRO D 31 21.69 -0.98 26.11
C PRO D 31 20.80 -0.19 27.05
N THR D 32 20.47 1.02 26.62
CA THR D 32 19.54 1.85 27.33
C THR D 32 18.22 1.77 26.60
N ILE D 33 17.16 1.48 27.35
CA ILE D 33 15.82 1.45 26.78
C ILE D 33 15.22 2.83 26.96
N ILE D 34 14.74 3.40 25.86
CA ILE D 34 14.23 4.77 25.84
C ILE D 34 12.78 4.72 25.40
N THR D 35 11.93 5.36 26.17
CA THR D 35 10.51 5.40 25.83
CA THR D 35 10.50 5.39 25.87
C THR D 35 10.06 6.84 25.81
N TRP D 36 9.31 7.19 24.79
CA TRP D 36 8.82 8.54 24.71
C TRP D 36 7.30 8.53 24.67
N ASP D 37 6.72 9.59 25.23
CA ASP D 37 5.26 9.76 25.25
C ASP D 37 5.08 11.25 25.02
N ILE D 38 4.93 11.63 23.75
CA ILE D 38 4.95 13.02 23.31
C ILE D 38 3.57 13.38 22.79
N THR D 39 3.11 14.58 23.12
CA THR D 39 1.84 15.08 22.63
CA THR D 39 1.84 15.07 22.62
C THR D 39 2.04 16.48 22.08
N GLY D 40 1.08 16.91 21.26
CA GLY D 40 1.06 18.28 20.78
C GLY D 40 1.92 18.58 19.59
N HIS D 41 2.39 17.56 18.87
CA HIS D 41 3.25 17.80 17.74
C HIS D 41 2.41 17.83 16.47
N ASP D 42 3.09 18.02 15.34
CA ASP D 42 2.42 17.91 14.05
C ASP D 42 1.89 16.50 13.85
N PRO D 43 0.74 16.31 13.21
CA PRO D 43 0.23 14.95 12.97
C PRO D 43 0.94 14.28 11.82
N ASN D 44 0.94 12.95 11.84
CA ASN D 44 1.41 12.12 10.72
C ASN D 44 2.78 12.57 10.22
N ALA D 45 3.69 12.78 11.17
CA ALA D 45 4.96 13.39 10.83
C ALA D 45 6.11 12.58 11.43
N LYS D 46 7.29 12.83 10.89
CA LYS D 46 8.55 12.31 11.42
C LYS D 46 9.28 13.47 12.04
N ARG D 47 9.63 13.36 13.33
CA ARG D 47 10.19 14.50 14.03
C ARG D 47 11.46 14.07 14.75
N GLY D 48 12.52 14.86 14.57
CA GLY D 48 13.80 14.51 15.16
C GLY D 48 13.73 14.56 16.68
N MET D 49 14.43 13.62 17.31
CA MET D 49 14.56 13.63 18.76
C MET D 49 16.00 13.32 19.10
N HIS D 50 16.66 14.19 19.85
CA HIS D 50 18.06 13.97 20.10
C HIS D 50 18.38 14.30 21.54
N ILE D 51 19.49 13.73 21.99
CA ILE D 51 20.06 14.15 23.25
C ILE D 51 21.12 15.19 22.94
N HIS D 52 20.93 16.39 23.47
CA HIS D 52 21.87 17.49 23.29
C HIS D 52 22.76 17.60 24.52
N THR D 53 23.91 18.24 24.35
CA THR D 53 24.99 18.05 25.31
C THR D 53 24.68 18.62 26.69
N PHE D 54 24.06 19.79 26.74
CA PHE D 54 23.93 20.53 27.99
C PHE D 54 22.50 20.45 28.52
N GLY D 55 22.40 20.21 29.83
CA GLY D 55 21.13 20.28 30.50
C GLY D 55 20.92 21.70 30.98
N ASP D 56 21.13 22.63 30.08
CA ASP D 56 21.07 24.06 30.36
C ASP D 56 19.85 24.62 29.64
N ASN D 57 18.86 25.06 30.43
CA ASN D 57 17.65 25.67 29.87
C ASN D 57 17.58 27.16 30.17
N THR D 58 18.72 27.80 30.45
CA THR D 58 18.70 29.21 30.83
C THR D 58 18.16 30.06 29.69
N ASN D 59 18.41 29.66 28.46
CA ASN D 59 17.84 30.39 27.35
C ASN D 59 16.99 29.43 26.53
N GLY D 60 16.10 28.70 27.22
CA GLY D 60 15.21 27.80 26.52
C GLY D 60 16.03 26.68 25.90
N CYS D 61 15.46 26.09 24.86
CA CYS D 61 16.08 24.88 24.32
C CYS D 61 17.38 25.18 23.57
N THR D 62 17.62 26.44 23.21
CA THR D 62 18.88 26.80 22.56
C THR D 62 20.09 26.52 23.44
N SER D 63 19.97 26.74 24.76
CA SER D 63 21.18 26.55 25.54
C SER D 63 21.49 25.08 25.81
N ALA D 64 20.67 24.15 25.28
CA ALA D 64 21.08 22.76 25.30
C ALA D 64 22.30 22.50 24.43
N GLY D 65 22.68 23.43 23.56
CA GLY D 65 23.83 23.23 22.75
C GLY D 65 23.56 22.16 21.71
N PRO D 66 24.61 21.52 21.24
CA PRO D 66 24.48 20.65 20.07
C PRO D 66 24.21 19.21 20.46
N HIS D 67 24.22 18.30 19.49
CA HIS D 67 23.99 16.90 19.80
C HIS D 67 25.13 16.37 20.66
N PHE D 68 24.77 15.61 21.70
CA PHE D 68 25.77 14.99 22.54
C PHE D 68 26.61 14.06 21.70
N ASN D 69 27.91 14.35 21.62
CA ASN D 69 28.79 13.67 20.69
C ASN D 69 30.15 13.42 21.33
N PRO D 70 30.19 12.69 22.44
CA PRO D 70 31.46 12.47 23.11
C PRO D 70 32.46 11.74 22.25
N HIS D 71 31.99 10.94 21.29
CA HIS D 71 32.91 10.13 20.50
C HIS D 71 33.28 10.78 19.17
N GLY D 72 32.84 12.01 18.95
CA GLY D 72 33.34 12.82 17.84
C GLY D 72 32.97 12.28 16.47
N LYS D 73 31.75 11.76 16.34
CA LYS D 73 31.25 11.23 15.09
C LYS D 73 30.46 12.29 14.34
N THR D 74 30.09 11.96 13.10
CA THR D 74 29.13 12.77 12.37
C THR D 74 27.72 12.35 12.76
N HIS D 75 26.79 13.24 12.48
CA HIS D 75 25.38 12.98 12.74
C HIS D 75 24.88 11.82 11.89
N GLY D 76 24.14 10.92 12.51
CA GLY D 76 23.65 9.78 11.76
C GLY D 76 22.32 9.28 12.28
N ALA D 77 21.83 8.18 11.74
CA ALA D 77 20.68 7.52 12.33
C ALA D 77 21.13 6.66 13.50
N PRO D 78 20.23 6.36 14.44
CA PRO D 78 20.60 5.46 15.55
C PRO D 78 21.23 4.18 15.08
N THR D 79 20.82 3.70 13.91
CA THR D 79 21.34 2.45 13.39
C THR D 79 22.73 2.59 12.80
N ASP D 80 23.21 3.82 12.60
CA ASP D 80 24.50 4.05 11.96
C ASP D 80 25.64 3.90 12.94
N GLU D 81 26.76 3.34 12.47
CA GLU D 81 27.97 3.36 13.29
C GLU D 81 28.46 4.78 13.48
N ASN D 82 28.40 5.59 12.43
CA ASN D 82 28.78 7.00 12.51
C ASN D 82 27.53 7.77 12.90
N ARG D 83 27.37 7.95 14.21
CA ARG D 83 26.29 8.75 14.75
C ARG D 83 26.80 9.38 16.04
N HIS D 84 26.17 10.49 16.38
CA HIS D 84 26.33 11.05 17.72
C HIS D 84 25.65 10.13 18.72
N VAL D 85 26.18 10.10 19.94
CA VAL D 85 25.46 9.38 20.99
C VAL D 85 24.03 9.87 21.07
N GLY D 86 23.83 11.17 20.93
CA GLY D 86 22.51 11.74 21.11
C GLY D 86 21.56 11.54 19.95
N ASP D 87 21.93 10.76 18.92
CA ASP D 87 21.14 10.69 17.70
C ASP D 87 20.09 9.60 17.84
N LEU D 88 18.87 9.98 18.22
CA LEU D 88 17.79 9.03 18.43
C LEU D 88 16.86 8.95 17.24
N GLY D 89 17.20 9.63 16.15
CA GLY D 89 16.43 9.51 14.93
C GLY D 89 15.11 10.24 14.99
N ASN D 90 14.17 9.75 14.18
CA ASN D 90 12.85 10.37 14.09
C ASN D 90 11.85 9.60 14.91
N ILE D 91 11.02 10.32 15.63
CA ILE D 91 9.82 9.71 16.18
C ILE D 91 8.68 9.91 15.19
N GLU D 92 7.65 9.07 15.31
CA GLU D 92 6.52 9.08 14.40
C GLU D 92 5.32 9.58 15.15
N THR D 93 4.66 10.61 14.61
CA THR D 93 3.47 11.12 15.27
C THR D 93 2.24 10.58 14.57
N ASP D 94 1.18 10.42 15.34
CA ASP D 94 -0.06 9.85 14.82
C ASP D 94 -0.94 10.99 14.32
N ALA D 95 -2.19 10.68 13.98
CA ALA D 95 -3.06 11.69 13.38
C ALA D 95 -3.37 12.84 14.34
N ASN D 96 -3.11 12.65 15.62
CA ASN D 96 -3.36 13.67 16.63
C ASN D 96 -2.08 14.35 17.09
N GLY D 97 -0.96 14.13 16.40
CA GLY D 97 0.30 14.72 16.80
C GLY D 97 0.92 14.10 18.03
N ASN D 98 0.54 12.88 18.37
CA ASN D 98 1.06 12.18 19.54
C ASN D 98 2.06 11.13 19.09
N SER D 99 3.06 10.88 19.92
CA SER D 99 4.03 9.85 19.59
C SER D 99 4.40 9.12 20.86
N LYS D 100 4.12 7.82 20.87
CA LYS D 100 4.50 6.94 21.96
C LYS D 100 5.40 5.89 21.35
N GLY D 101 6.59 5.71 21.91
CA GLY D 101 7.40 4.66 21.34
C GLY D 101 8.46 4.25 22.33
N THR D 102 9.15 3.17 21.97
CA THR D 102 10.25 2.62 22.74
C THR D 102 11.35 2.26 21.76
N MET D 103 12.61 2.48 22.16
CA MET D 103 13.73 2.01 21.38
C MET D 103 14.77 1.49 22.33
N THR D 104 15.59 0.59 21.80
CA THR D 104 16.77 0.08 22.48
C THR D 104 17.96 0.73 21.82
N ASP D 105 18.73 1.48 22.62
CA ASP D 105 19.86 2.23 22.09
C ASP D 105 21.14 1.65 22.64
N HIS D 106 22.09 1.39 21.75
CA HIS D 106 23.31 0.70 22.10
C HIS D 106 24.46 1.66 22.35
N LEU D 107 24.22 2.95 22.28
CA LEU D 107 25.26 3.92 22.58
C LEU D 107 24.95 4.77 23.80
N VAL D 108 23.68 5.11 24.00
CA VAL D 108 23.31 6.00 25.10
C VAL D 108 23.50 5.28 26.41
N LYS D 109 24.13 5.96 27.36
CA LYS D 109 24.37 5.39 28.66
C LYS D 109 23.84 6.33 29.72
N LEU D 110 23.41 5.75 30.84
CA LEU D 110 23.02 6.48 32.04
C LEU D 110 24.06 6.33 33.13
N ILE D 111 25.09 5.55 32.87
CA ILE D 111 26.09 5.11 33.85
C ILE D 111 27.45 5.40 33.26
N GLY D 112 28.34 5.96 34.06
CA GLY D 112 29.71 6.13 33.63
C GLY D 112 29.98 7.47 32.97
N PRO D 113 31.17 7.63 32.42
CA PRO D 113 31.61 8.95 31.99
C PRO D 113 30.82 9.52 30.84
N GLU D 114 30.14 8.70 30.03
CA GLU D 114 29.36 9.24 28.93
C GLU D 114 27.88 9.31 29.27
N SER D 115 27.56 9.30 30.57
CA SER D 115 26.17 9.34 30.98
C SER D 115 25.46 10.55 30.38
N VAL D 116 24.21 10.34 29.99
CA VAL D 116 23.39 11.44 29.52
C VAL D 116 22.56 12.04 30.64
N ILE D 117 22.71 11.55 31.87
CA ILE D 117 21.99 12.19 32.95
C ILE D 117 22.50 13.61 33.08
N GLY D 118 21.57 14.55 33.21
CA GLY D 118 21.88 15.96 33.24
C GLY D 118 22.04 16.58 31.89
N ARG D 119 21.84 15.83 30.81
CA ARG D 119 21.84 16.43 29.49
C ARG D 119 20.38 16.63 29.07
N THR D 120 20.13 16.96 27.80
CA THR D 120 18.81 17.43 27.39
C THR D 120 18.26 16.55 26.27
N VAL D 121 17.00 16.11 26.41
CA VAL D 121 16.28 15.59 25.26
C VAL D 121 15.65 16.76 24.55
N VAL D 122 15.87 16.89 23.25
CA VAL D 122 15.17 17.88 22.45
C VAL D 122 14.27 17.14 21.46
N VAL D 123 13.01 17.56 21.40
CA VAL D 123 12.11 17.14 20.35
C VAL D 123 12.07 18.25 19.31
N HIS D 124 12.47 17.94 18.09
CA HIS D 124 12.62 18.96 17.07
C HIS D 124 11.35 19.21 16.28
N ALA D 125 11.38 20.29 15.51
CA ALA D 125 10.21 20.71 14.78
C ALA D 125 10.12 20.05 13.41
N GLY D 126 11.24 19.54 12.91
CA GLY D 126 11.20 18.92 11.62
C GLY D 126 11.78 17.53 11.61
N THR D 127 11.97 16.99 10.41
CA THR D 127 12.45 15.63 10.25
C THR D 127 13.96 15.60 10.24
N ASP D 128 14.53 14.65 10.97
CA ASP D 128 15.94 14.37 10.94
C ASP D 128 16.27 13.70 9.62
N ASP D 129 17.16 14.31 8.83
CA ASP D 129 17.56 13.65 7.60
C ASP D 129 18.61 12.57 7.84
N LEU D 130 18.94 12.28 9.10
CA LEU D 130 19.79 11.16 9.50
C LEU D 130 21.20 11.27 8.94
N GLY D 131 21.65 12.49 8.69
CA GLY D 131 23.00 12.65 8.20
C GLY D 131 23.14 12.37 6.73
N LYS D 132 22.03 12.20 6.01
CA LYS D 132 22.06 11.83 4.60
C LYS D 132 21.52 12.95 3.71
N GLY D 133 21.57 14.19 4.19
CA GLY D 133 21.10 15.32 3.42
C GLY D 133 22.11 15.90 2.45
N GLY D 134 23.37 15.47 2.54
CA GLY D 134 24.35 15.88 1.57
C GLY D 134 24.96 17.26 1.77
N ASN D 135 24.78 17.87 2.94
CA ASN D 135 25.39 19.16 3.23
C ASN D 135 25.98 19.10 4.64
N GLU D 136 26.76 20.13 4.97
CA GLU D 136 27.47 20.12 6.24
C GLU D 136 26.52 20.12 7.42
N GLU D 137 25.38 20.81 7.29
CA GLU D 137 24.42 20.85 8.38
C GLU D 137 23.81 19.48 8.63
N SER D 138 23.55 18.72 7.56
CA SER D 138 23.04 17.37 7.74
C SER D 138 23.95 16.53 8.63
N LEU D 139 25.27 16.68 8.46
CA LEU D 139 26.25 15.90 9.21
C LEU D 139 26.44 16.43 10.62
N LYS D 140 25.82 17.54 10.95
CA LYS D 140 25.88 18.11 12.29
C LYS D 140 24.58 17.91 13.04
N THR D 141 23.45 18.29 12.43
CA THR D 141 22.17 18.32 13.12
C THR D 141 21.12 17.44 12.48
N GLY D 142 21.36 16.90 11.29
CA GLY D 142 20.28 16.27 10.59
C GLY D 142 19.25 17.22 10.00
N ASN D 143 19.48 18.54 10.08
CA ASN D 143 18.54 19.51 9.51
C ASN D 143 17.14 19.32 10.07
N ALA D 144 17.04 18.99 11.37
CA ALA D 144 15.75 18.66 11.96
C ALA D 144 14.99 19.88 12.44
N GLY D 145 15.51 21.08 12.19
CA GLY D 145 14.78 22.29 12.48
C GLY D 145 14.92 22.72 13.92
N PRO D 146 14.08 23.68 14.30
CA PRO D 146 14.16 24.22 15.66
C PRO D 146 13.66 23.27 16.74
N ARG D 147 13.59 23.78 17.96
CA ARG D 147 13.49 22.97 19.17
C ARG D 147 12.22 23.35 19.93
N PRO D 148 11.07 22.83 19.53
CA PRO D 148 9.83 23.19 20.22
C PRO D 148 9.76 22.71 21.65
N ALA D 149 10.50 21.67 22.02
CA ALA D 149 10.40 21.19 23.39
C ALA D 149 11.71 20.54 23.78
N CYS D 150 12.01 20.64 25.07
CA CYS D 150 13.20 19.98 25.58
C CYS D 150 13.03 19.80 27.07
N GLY D 151 13.80 18.88 27.62
CA GLY D 151 13.83 18.71 29.06
C GLY D 151 15.16 18.12 29.46
N VAL D 152 15.56 18.41 30.71
CA VAL D 152 16.78 17.83 31.24
C VAL D 152 16.50 16.39 31.67
N ILE D 153 17.45 15.50 31.37
CA ILE D 153 17.37 14.10 31.76
C ILE D 153 17.71 13.99 33.24
N GLY D 154 16.70 13.66 34.04
CA GLY D 154 16.86 13.62 35.48
C GLY D 154 16.76 12.22 36.04
N ILE D 155 17.37 12.00 37.20
CA ILE D 155 17.34 10.70 37.83
C ILE D 155 15.92 10.40 38.30
N ALA D 156 15.41 9.23 37.93
CA ALA D 156 14.02 8.90 38.18
C ALA D 156 13.81 7.94 39.35
N GLN D 157 14.85 7.32 39.89
CA GLN D 157 14.62 6.51 41.09
C GLN D 157 15.84 6.39 41.99
N MET E 4 8.39 -17.96 -10.70
CA MET E 4 8.12 -16.68 -10.05
C MET E 4 7.09 -15.89 -10.82
N VAL E 5 7.43 -15.42 -12.02
CA VAL E 5 6.48 -14.69 -12.84
C VAL E 5 5.74 -15.67 -13.72
N LYS E 6 4.42 -15.57 -13.75
CA LYS E 6 3.59 -16.46 -14.55
C LYS E 6 2.71 -15.64 -15.45
N ALA E 7 2.51 -16.12 -16.67
CA ALA E 7 1.65 -15.40 -17.59
C ALA E 7 0.85 -16.42 -18.38
N VAL E 8 -0.22 -15.95 -18.99
CA VAL E 8 -1.05 -16.87 -19.75
C VAL E 8 -1.73 -16.12 -20.86
N ALA E 9 -1.84 -16.75 -22.03
CA ALA E 9 -2.61 -16.24 -23.14
C ALA E 9 -3.70 -17.26 -23.43
N VAL E 10 -4.93 -16.79 -23.51
CA VAL E 10 -6.05 -17.61 -23.93
C VAL E 10 -6.31 -17.21 -25.37
N VAL E 11 -6.11 -18.15 -26.29
CA VAL E 11 -6.14 -17.82 -27.71
C VAL E 11 -7.48 -18.23 -28.29
N ARG E 12 -7.98 -17.39 -29.20
CA ARG E 12 -9.15 -17.71 -29.98
C ARG E 12 -9.14 -16.76 -31.15
N GLY E 13 -10.02 -17.01 -32.11
CA GLY E 13 -10.03 -16.14 -33.27
C GLY E 13 -11.14 -16.55 -34.18
N ASP E 14 -10.97 -16.18 -35.45
CA ASP E 14 -12.00 -16.47 -36.46
C ASP E 14 -11.79 -17.90 -36.97
N SER E 15 -12.04 -18.84 -36.07
CA SER E 15 -11.76 -20.24 -36.30
C SER E 15 -12.22 -21.06 -35.11
N LYS E 16 -12.01 -22.36 -35.19
CA LYS E 16 -12.29 -23.24 -34.08
C LYS E 16 -11.05 -23.47 -33.22
N VAL E 17 -9.94 -22.82 -33.53
CA VAL E 17 -8.71 -23.03 -32.76
C VAL E 17 -8.81 -22.24 -31.47
N THR E 18 -8.66 -22.93 -30.34
CA THR E 18 -8.67 -22.30 -29.04
C THR E 18 -7.66 -23.01 -28.17
N GLY E 19 -7.43 -22.43 -27.02
CA GLY E 19 -6.54 -23.03 -26.06
C GLY E 19 -5.79 -21.98 -25.26
N THR E 20 -4.81 -22.48 -24.54
CA THR E 20 -4.13 -21.73 -23.50
CA THR E 20 -4.13 -21.69 -23.53
C THR E 20 -2.64 -21.87 -23.71
N VAL E 21 -1.90 -20.78 -23.53
CA VAL E 21 -0.45 -20.83 -23.59
C VAL E 21 0.04 -20.20 -22.31
N THR E 22 0.77 -20.95 -21.50
CA THR E 22 1.27 -20.40 -20.25
C THR E 22 2.76 -20.20 -20.32
N PHE E 23 3.21 -19.28 -19.49
CA PHE E 23 4.61 -18.89 -19.41
C PHE E 23 5.00 -18.81 -17.95
N GLU E 24 6.17 -19.34 -17.62
CA GLU E 24 6.70 -19.24 -16.28
C GLU E 24 8.16 -18.85 -16.39
N GLN E 25 8.58 -17.83 -15.64
CA GLN E 25 9.99 -17.48 -15.64
C GLN E 25 10.41 -17.13 -14.22
N GLU E 26 11.50 -17.73 -13.76
CA GLU E 26 11.89 -17.51 -12.37
C GLU E 26 12.52 -16.14 -12.16
N SER E 27 13.40 -15.73 -13.07
CA SER E 27 14.08 -14.44 -12.98
C SER E 27 14.38 -14.01 -14.42
N GLU E 28 14.74 -12.72 -14.58
CA GLU E 28 14.92 -12.18 -15.92
C GLU E 28 15.91 -13.00 -16.74
N SER E 29 17.00 -13.47 -16.11
CA SER E 29 18.01 -14.21 -16.86
C SER E 29 17.67 -15.69 -17.05
N SER E 30 16.64 -16.19 -16.36
CA SER E 30 16.30 -17.59 -16.45
C SER E 30 15.55 -17.86 -17.74
N PRO E 31 15.56 -19.11 -18.20
CA PRO E 31 14.69 -19.48 -19.31
C PRO E 31 13.24 -19.33 -18.91
N THR E 32 12.40 -19.19 -19.92
CA THR E 32 10.96 -19.15 -19.72
C THR E 32 10.38 -20.46 -20.19
N ILE E 33 9.61 -21.10 -19.32
CA ILE E 33 8.95 -22.34 -19.65
C ILE E 33 7.58 -22.00 -20.22
N ILE E 34 7.31 -22.51 -21.41
CA ILE E 34 6.10 -22.18 -22.17
C ILE E 34 5.33 -23.46 -22.37
N THR E 35 4.07 -23.47 -21.99
CA THR E 35 3.22 -24.63 -22.17
CA THR E 35 3.22 -24.64 -22.17
C THR E 35 2.04 -24.25 -23.04
N TRP E 36 1.64 -25.12 -23.93
CA TRP E 36 0.47 -24.82 -24.73
C TRP E 36 -0.48 -25.98 -24.63
N ASP E 37 -1.76 -25.65 -24.82
CA ASP E 37 -2.80 -26.66 -24.76
C ASP E 37 -3.85 -26.13 -25.75
N ILE E 38 -3.73 -26.61 -26.98
CA ILE E 38 -4.45 -26.07 -28.12
C ILE E 38 -5.39 -27.15 -28.64
N THR E 39 -6.59 -26.74 -29.05
CA THR E 39 -7.56 -27.68 -29.59
C THR E 39 -8.20 -27.05 -30.83
N GLY E 40 -8.77 -27.92 -31.67
CA GLY E 40 -9.50 -27.42 -32.81
C GLY E 40 -8.69 -27.08 -34.03
N HIS E 41 -7.43 -27.52 -34.08
CA HIS E 41 -6.61 -27.27 -35.24
C HIS E 41 -6.70 -28.42 -36.22
N ASP E 42 -6.02 -28.27 -37.37
CA ASP E 42 -5.88 -29.36 -38.33
C ASP E 42 -5.20 -30.55 -37.67
N PRO E 43 -5.56 -31.76 -38.06
CA PRO E 43 -4.95 -32.95 -37.44
C PRO E 43 -3.61 -33.28 -38.07
N ASN E 44 -2.73 -33.90 -37.25
CA ASN E 44 -1.46 -34.42 -37.74
C ASN E 44 -0.67 -33.35 -38.50
N ALA E 45 -0.58 -32.17 -37.90
CA ALA E 45 -0.06 -31.01 -38.60
C ALA E 45 1.04 -30.36 -37.79
N LYS E 46 1.87 -29.58 -38.50
CA LYS E 46 2.84 -28.67 -37.88
C LYS E 46 2.30 -27.27 -38.08
N ARG E 47 2.12 -26.54 -36.97
CA ARG E 47 1.47 -25.23 -37.03
C ARG E 47 2.31 -24.22 -36.27
N GLY E 48 2.55 -23.09 -36.93
CA GLY E 48 3.41 -22.07 -36.33
C GLY E 48 2.74 -21.46 -35.10
N MET E 49 3.55 -21.15 -34.12
CA MET E 49 3.08 -20.44 -32.93
C MET E 49 4.10 -19.38 -32.62
N HIS E 50 3.66 -18.12 -32.58
CA HIS E 50 4.62 -17.05 -32.37
C HIS E 50 4.09 -16.05 -31.37
N ILE E 51 5.03 -15.33 -30.78
CA ILE E 51 4.68 -14.16 -30.01
C ILE E 51 4.80 -12.99 -30.97
N HIS E 52 3.69 -12.31 -31.16
CA HIS E 52 3.65 -11.11 -31.99
C HIS E 52 3.73 -9.89 -31.11
N THR E 53 4.13 -8.77 -31.70
CA THR E 53 4.57 -7.64 -30.89
C THR E 53 3.46 -7.03 -30.06
N PHE E 54 2.29 -6.82 -30.64
CA PHE E 54 1.25 -6.03 -30.00
C PHE E 54 0.18 -6.92 -29.39
N GLY E 55 -0.17 -6.63 -28.13
CA GLY E 55 -1.33 -7.20 -27.49
C GLY E 55 -2.59 -6.46 -27.89
N ASP E 56 -2.71 -6.17 -29.16
CA ASP E 56 -3.79 -5.36 -29.69
C ASP E 56 -4.70 -6.29 -30.49
N ASN E 57 -5.92 -6.50 -29.99
CA ASN E 57 -6.90 -7.33 -30.69
C ASN E 57 -8.01 -6.50 -31.30
N THR E 58 -7.77 -5.21 -31.50
CA THR E 58 -8.84 -4.32 -31.96
C THR E 58 -9.42 -4.78 -33.29
N ASN E 59 -8.57 -5.30 -34.17
CA ASN E 59 -9.05 -5.79 -35.45
C ASN E 59 -8.73 -7.27 -35.59
N GLY E 60 -9.01 -8.03 -34.53
CA GLY E 60 -8.70 -9.46 -34.53
C GLY E 60 -7.19 -9.69 -34.50
N CYS E 61 -6.79 -10.90 -34.89
CA CYS E 61 -5.38 -11.26 -34.73
C CYS E 61 -4.46 -10.45 -35.62
N THR E 62 -5.00 -9.78 -36.65
CA THR E 62 -4.19 -8.94 -37.52
C THR E 62 -3.54 -7.78 -36.76
N SER E 63 -4.23 -7.22 -35.77
CA SER E 63 -3.59 -6.08 -35.11
C SER E 63 -2.51 -6.49 -34.14
N ALA E 64 -2.25 -7.80 -33.99
CA ALA E 64 -1.09 -8.19 -33.20
C ALA E 64 0.22 -7.75 -33.85
N GLY E 65 0.22 -7.38 -35.12
CA GLY E 65 1.44 -6.91 -35.73
C GLY E 65 2.35 -8.09 -36.05
N PRO E 66 3.60 -7.82 -36.24
CA PRO E 66 4.53 -8.87 -36.69
C PRO E 66 5.08 -9.66 -35.52
N HIS E 67 6.02 -10.57 -35.77
CA HIS E 67 6.65 -11.26 -34.66
C HIS E 67 7.41 -10.31 -33.78
N PHE E 68 7.36 -10.57 -32.48
CA PHE E 68 8.08 -9.77 -31.51
C PHE E 68 9.57 -9.95 -31.76
N ASN E 69 10.25 -8.85 -32.09
CA ASN E 69 11.64 -8.91 -32.52
C ASN E 69 12.43 -7.74 -31.94
N PRO E 70 12.53 -7.63 -30.61
CA PRO E 70 13.28 -6.52 -30.02
C PRO E 70 14.74 -6.50 -30.42
N HIS E 71 15.33 -7.64 -30.76
CA HIS E 71 16.75 -7.73 -31.04
C HIS E 71 17.08 -7.61 -32.52
N GLY E 72 16.09 -7.34 -33.38
CA GLY E 72 16.28 -7.05 -34.78
C GLY E 72 16.97 -8.16 -35.55
N LYS E 73 16.50 -9.39 -35.34
CA LYS E 73 17.02 -10.55 -36.03
C LYS E 73 16.08 -10.96 -37.15
N THR E 74 16.54 -11.89 -37.98
CA THR E 74 15.66 -12.50 -38.96
C THR E 74 14.83 -13.61 -38.32
N HIS E 75 13.75 -13.98 -38.98
CA HIS E 75 12.91 -15.08 -38.50
C HIS E 75 13.70 -16.38 -38.50
N GLY E 76 13.53 -17.17 -37.43
CA GLY E 76 14.16 -18.46 -37.40
C GLY E 76 13.44 -19.48 -36.55
N ALA E 77 14.09 -20.63 -36.36
CA ALA E 77 13.61 -21.62 -35.42
C ALA E 77 13.98 -21.20 -34.01
N PRO E 78 13.25 -21.69 -33.00
CA PRO E 78 13.64 -21.39 -31.61
C PRO E 78 15.08 -21.74 -31.32
N THR E 79 15.60 -22.75 -31.99
CA THR E 79 16.94 -23.21 -31.75
C THR E 79 17.99 -22.36 -32.48
N ASP E 80 17.56 -21.48 -33.37
CA ASP E 80 18.48 -20.66 -34.14
C ASP E 80 18.98 -19.48 -33.31
N GLU E 81 20.25 -19.15 -33.47
CA GLU E 81 20.74 -17.90 -32.87
C GLU E 81 20.02 -16.71 -33.50
N ASN E 82 19.83 -16.76 -34.81
CA ASN E 82 19.18 -15.68 -35.54
C ASN E 82 17.71 -16.05 -35.59
N ARG E 83 16.97 -15.55 -34.60
CA ARG E 83 15.54 -15.77 -34.54
C ARG E 83 14.92 -14.54 -33.91
N HIS E 84 13.64 -14.34 -34.19
CA HIS E 84 12.88 -13.40 -33.38
C HIS E 84 12.66 -13.95 -31.98
N VAL E 85 12.57 -13.05 -30.99
CA VAL E 85 12.18 -13.51 -29.65
C VAL E 85 10.90 -14.31 -29.75
N GLY E 86 9.97 -13.84 -30.57
CA GLY E 86 8.67 -14.49 -30.64
C GLY E 86 8.64 -15.78 -31.44
N ASP E 87 9.78 -16.28 -31.91
CA ASP E 87 9.79 -17.45 -32.78
C ASP E 87 9.76 -18.72 -31.96
N LEU E 88 8.57 -19.27 -31.76
CA LEU E 88 8.40 -20.48 -30.95
C LEU E 88 8.27 -21.73 -31.80
N GLY E 89 8.45 -21.60 -33.10
CA GLY E 89 8.48 -22.75 -33.99
C GLY E 89 7.09 -23.30 -34.26
N ASN E 90 7.07 -24.59 -34.59
CA ASN E 90 5.83 -25.29 -34.88
C ASN E 90 5.40 -26.13 -33.70
N ILE E 91 4.13 -26.13 -33.45
CA ILE E 91 3.56 -27.09 -32.53
C ILE E 91 3.07 -28.26 -33.36
N GLU E 92 2.99 -29.42 -32.73
CA GLU E 92 2.58 -30.63 -33.41
C GLU E 92 1.16 -30.93 -32.99
N THR E 93 0.24 -31.03 -33.94
CA THR E 93 -1.12 -31.42 -33.62
C THR E 93 -1.31 -32.92 -33.84
N ASP E 94 -2.17 -33.52 -33.00
CA ASP E 94 -2.38 -34.96 -33.03
C ASP E 94 -3.53 -35.29 -33.97
N ALA E 95 -4.00 -36.53 -33.92
CA ALA E 95 -5.07 -36.96 -34.83
C ALA E 95 -6.37 -36.21 -34.59
N ASN E 96 -6.55 -35.64 -33.41
CA ASN E 96 -7.75 -34.90 -33.07
C ASN E 96 -7.60 -33.40 -33.25
N GLY E 97 -6.49 -32.96 -33.83
CA GLY E 97 -6.27 -31.54 -34.01
C GLY E 97 -5.87 -30.82 -32.76
N ASN E 98 -5.39 -31.55 -31.74
CA ASN E 98 -5.04 -30.96 -30.46
C ASN E 98 -3.53 -30.93 -30.33
N SER E 99 -3.01 -29.98 -29.56
CA SER E 99 -1.57 -29.91 -29.37
C SER E 99 -1.31 -29.44 -27.95
N LYS E 100 -0.71 -30.32 -27.14
CA LYS E 100 -0.27 -29.99 -25.80
C LYS E 100 1.23 -30.12 -25.79
N GLY E 101 1.90 -29.14 -25.21
CA GLY E 101 3.34 -29.22 -25.23
C GLY E 101 3.92 -28.25 -24.24
N THR E 102 5.22 -28.42 -24.03
CA THR E 102 6.01 -27.56 -23.16
C THR E 102 7.35 -27.36 -23.84
N MET E 103 7.90 -26.16 -23.73
CA MET E 103 9.22 -25.87 -24.25
C MET E 103 9.90 -24.95 -23.26
N THR E 104 11.23 -24.99 -23.28
CA THR E 104 12.04 -24.11 -22.46
C THR E 104 12.69 -23.16 -23.44
N ASP E 105 12.37 -21.87 -23.31
CA ASP E 105 12.83 -20.88 -24.27
C ASP E 105 13.85 -19.97 -23.61
N HIS E 106 14.95 -19.75 -24.30
CA HIS E 106 16.07 -19.04 -23.70
C HIS E 106 16.13 -17.59 -24.11
N LEU E 107 15.19 -17.15 -24.93
CA LEU E 107 15.09 -15.74 -25.31
C LEU E 107 13.90 -15.02 -24.71
N VAL E 108 12.76 -15.71 -24.61
CA VAL E 108 11.52 -15.09 -24.16
C VAL E 108 11.63 -14.73 -22.68
N LYS E 109 11.26 -13.50 -22.35
CA LYS E 109 11.29 -13.01 -20.98
C LYS E 109 9.90 -12.54 -20.58
N LEU E 110 9.57 -12.74 -19.31
CA LEU E 110 8.38 -12.17 -18.70
C LEU E 110 8.75 -10.98 -17.82
N ILE E 111 10.02 -10.72 -17.69
CA ILE E 111 10.57 -9.75 -16.75
C ILE E 111 11.45 -8.83 -17.55
N GLY E 112 11.35 -7.53 -17.29
CA GLY E 112 12.26 -6.57 -17.86
C GLY E 112 11.80 -6.01 -19.19
N PRO E 113 12.68 -5.24 -19.82
CA PRO E 113 12.27 -4.43 -20.96
C PRO E 113 11.82 -5.23 -22.16
N GLU E 114 12.28 -6.47 -22.32
CA GLU E 114 11.79 -7.28 -23.42
C GLU E 114 10.68 -8.22 -22.99
N SER E 115 10.03 -7.95 -21.86
CA SER E 115 8.93 -8.79 -21.44
C SER E 115 7.90 -8.96 -22.54
N VAL E 116 7.39 -10.19 -22.69
CA VAL E 116 6.29 -10.43 -23.61
C VAL E 116 4.94 -10.26 -22.94
N ILE E 117 4.91 -9.91 -21.66
CA ILE E 117 3.64 -9.61 -21.00
CA ILE E 117 3.62 -9.65 -21.05
C ILE E 117 2.97 -8.50 -21.78
N GLY E 118 1.68 -8.68 -22.10
CA GLY E 118 0.97 -7.68 -22.88
C GLY E 118 1.13 -7.81 -24.37
N ARG E 119 1.88 -8.80 -24.84
CA ARG E 119 1.96 -9.03 -26.28
C ARG E 119 1.02 -10.18 -26.63
N THR E 120 1.19 -10.77 -27.80
CA THR E 120 0.17 -11.68 -28.27
C THR E 120 0.80 -13.00 -28.67
N VAL E 121 0.17 -14.11 -28.27
CA VAL E 121 0.49 -15.40 -28.89
C VAL E 121 -0.44 -15.60 -30.05
N VAL E 122 0.12 -15.92 -31.22
CA VAL E 122 -0.68 -16.28 -32.37
C VAL E 122 -0.40 -17.74 -32.70
N VAL E 123 -1.45 -18.53 -32.86
CA VAL E 123 -1.35 -19.85 -33.45
C VAL E 123 -1.74 -19.70 -34.91
N HIS E 124 -0.85 -20.13 -35.80
CA HIS E 124 -1.04 -19.90 -37.23
C HIS E 124 -1.73 -21.07 -37.89
N ALA E 125 -2.19 -20.81 -39.10
CA ALA E 125 -2.92 -21.80 -39.89
C ALA E 125 -1.97 -22.76 -40.60
N GLY E 126 -0.72 -22.37 -40.78
CA GLY E 126 0.21 -23.11 -41.59
C GLY E 126 1.47 -23.45 -40.82
N THR E 127 2.36 -24.14 -41.51
CA THR E 127 3.63 -24.54 -40.96
C THR E 127 4.65 -23.42 -41.06
N ASP E 128 5.33 -23.16 -39.97
CA ASP E 128 6.45 -22.22 -39.97
C ASP E 128 7.62 -22.87 -40.69
N ASP E 129 8.12 -22.22 -41.75
CA ASP E 129 9.30 -22.76 -42.43
C ASP E 129 10.61 -22.43 -41.73
N LEU E 130 10.54 -21.76 -40.57
CA LEU E 130 11.70 -21.54 -39.70
C LEU E 130 12.76 -20.70 -40.38
N GLY E 131 12.33 -19.87 -41.33
CA GLY E 131 13.27 -18.95 -41.93
C GLY E 131 14.14 -19.58 -42.98
N LYS E 132 13.88 -20.85 -43.32
CA LYS E 132 14.59 -21.58 -44.35
C LYS E 132 13.79 -21.69 -45.63
N GLY E 133 12.87 -20.75 -45.87
CA GLY E 133 12.08 -20.80 -47.09
C GLY E 133 12.70 -20.09 -48.26
N GLY E 134 13.79 -19.35 -48.02
CA GLY E 134 14.55 -18.77 -49.12
C GLY E 134 13.90 -17.59 -49.78
N ASN E 135 12.97 -16.92 -49.11
CA ASN E 135 12.40 -15.69 -49.61
C ASN E 135 12.33 -14.69 -48.47
N GLU E 136 11.99 -13.45 -48.83
CA GLU E 136 11.87 -12.39 -47.82
C GLU E 136 10.83 -12.76 -46.77
N GLU E 137 9.69 -13.31 -47.20
CA GLU E 137 8.62 -13.65 -46.27
C GLU E 137 9.07 -14.68 -45.27
N SER E 138 9.89 -15.64 -45.69
CA SER E 138 10.38 -16.65 -44.76
C SER E 138 11.20 -16.02 -43.64
N LEU E 139 12.05 -15.04 -44.00
CA LEU E 139 12.90 -14.35 -43.05
C LEU E 139 12.14 -13.37 -42.17
N LYS E 140 10.88 -13.15 -42.46
CA LYS E 140 10.04 -12.28 -41.65
C LYS E 140 9.05 -13.06 -40.81
N THR E 141 8.29 -13.97 -41.43
CA THR E 141 7.19 -14.65 -40.78
C THR E 141 7.31 -16.16 -40.80
N GLY E 142 8.24 -16.72 -41.55
CA GLY E 142 8.23 -18.17 -41.70
C GLY E 142 7.12 -18.71 -42.57
N ASN E 143 6.39 -17.84 -43.28
CA ASN E 143 5.33 -18.28 -44.18
C ASN E 143 4.33 -19.19 -43.49
N ALA E 144 4.00 -18.85 -42.25
CA ALA E 144 3.17 -19.77 -41.47
C ALA E 144 1.68 -19.50 -41.66
N GLY E 145 1.31 -18.61 -42.56
CA GLY E 145 -0.07 -18.51 -42.96
C GLY E 145 -0.86 -17.58 -42.05
N PRO E 146 -2.18 -17.58 -42.22
CA PRO E 146 -3.03 -16.68 -41.44
C PRO E 146 -3.11 -17.06 -39.97
N ARG E 147 -3.97 -16.36 -39.23
CA ARG E 147 -3.93 -16.32 -37.77
C ARG E 147 -5.28 -16.75 -37.22
N PRO E 148 -5.54 -18.06 -37.17
CA PRO E 148 -6.84 -18.53 -36.69
C PRO E 148 -7.08 -18.24 -35.23
N ALA E 149 -6.04 -18.04 -34.42
CA ALA E 149 -6.32 -17.79 -33.02
C ALA E 149 -5.17 -16.99 -32.44
N CYS E 150 -5.51 -16.11 -31.51
CA CYS E 150 -4.50 -15.35 -30.82
C CYS E 150 -5.04 -14.99 -29.45
N GLY E 151 -4.15 -14.56 -28.58
CA GLY E 151 -4.55 -14.09 -27.27
C GLY E 151 -3.46 -13.24 -26.69
N VAL E 152 -3.86 -12.28 -25.86
CA VAL E 152 -2.90 -11.40 -25.20
C VAL E 152 -2.30 -12.13 -24.01
N ILE E 153 -0.99 -12.02 -23.86
CA ILE E 153 -0.26 -12.61 -22.74
C ILE E 153 -0.53 -11.78 -21.50
N GLY E 154 -1.28 -12.33 -20.55
CA GLY E 154 -1.63 -11.63 -19.33
C GLY E 154 -0.95 -12.23 -18.11
N ILE E 155 -0.86 -11.42 -17.06
CA ILE E 155 -0.28 -11.87 -15.81
C ILE E 155 -1.19 -12.88 -15.17
N ALA E 156 -0.62 -14.00 -14.74
CA ALA E 156 -1.36 -15.08 -14.10
C ALA E 156 -1.00 -15.10 -12.61
N GLN E 157 -1.91 -15.68 -11.83
CA GLN E 157 -1.66 -15.80 -10.39
C GLN E 157 -0.55 -16.81 -10.12
N MET F 4 -11.76 -17.75 1.48
CA MET F 4 -10.61 -18.44 0.95
C MET F 4 -9.41 -18.18 1.83
N VAL F 5 -9.66 -18.01 3.13
CA VAL F 5 -8.59 -17.97 4.10
C VAL F 5 -8.05 -19.37 4.32
N LYS F 6 -6.73 -19.49 4.36
CA LYS F 6 -6.06 -20.77 4.58
C LYS F 6 -5.13 -20.61 5.76
N ALA F 7 -5.03 -21.65 6.57
CA ALA F 7 -4.12 -21.62 7.68
C ALA F 7 -3.47 -22.98 7.83
N VAL F 8 -2.37 -23.03 8.55
CA VAL F 8 -1.69 -24.30 8.74
C VAL F 8 -0.97 -24.28 10.07
N ALA F 9 -1.02 -25.41 10.77
CA ALA F 9 -0.23 -25.63 11.97
C ALA F 9 0.71 -26.78 11.67
N VAL F 10 1.99 -26.58 11.95
CA VAL F 10 2.96 -27.65 11.86
C VAL F 10 3.25 -28.08 13.28
N VAL F 11 2.92 -29.32 13.63
CA VAL F 11 2.96 -29.74 15.02
C VAL F 11 4.22 -30.55 15.29
N ARG F 12 4.78 -30.36 16.48
CA ARG F 12 5.87 -31.17 16.99
C ARG F 12 5.92 -30.92 18.49
N GLY F 13 6.70 -31.74 19.17
CA GLY F 13 6.84 -31.52 20.60
C GLY F 13 7.83 -32.49 21.16
N ASP F 14 7.67 -32.77 22.45
CA ASP F 14 8.59 -33.64 23.16
C ASP F 14 8.14 -35.08 22.94
N SER F 15 8.29 -35.50 21.69
CA SER F 15 7.76 -36.78 21.21
C SER F 15 8.18 -36.96 19.76
N LYS F 16 7.84 -38.10 19.18
CA LYS F 16 8.05 -38.31 17.77
C LYS F 16 6.84 -37.94 16.95
N VAL F 17 5.81 -37.38 17.58
CA VAL F 17 4.60 -37.03 16.84
C VAL F 17 4.84 -35.72 16.09
N THR F 18 4.64 -35.75 14.78
CA THR F 18 4.77 -34.56 13.95
C THR F 18 3.69 -34.60 12.88
N GLY F 19 3.56 -33.50 12.18
CA GLY F 19 2.64 -33.46 11.07
C GLY F 19 2.11 -32.06 10.86
N THR F 20 1.11 -31.98 9.99
CA THR F 20 0.54 -30.70 9.60
CA THR F 20 0.54 -30.73 9.52
C THR F 20 -0.97 -30.75 9.71
N VAL F 21 -1.55 -29.64 10.12
CA VAL F 21 -2.98 -29.51 10.21
C VAL F 21 -3.36 -28.27 9.43
N THR F 22 -4.15 -28.43 8.38
CA THR F 22 -4.52 -27.27 7.57
C THR F 22 -5.97 -26.91 7.78
N PHE F 23 -6.26 -25.65 7.52
CA PHE F 23 -7.58 -25.07 7.70
C PHE F 23 -7.89 -24.25 6.47
N GLU F 24 -9.12 -24.37 5.97
CA GLU F 24 -9.59 -23.56 4.87
C GLU F 24 -11.00 -23.12 5.19
N GLN F 25 -11.26 -21.83 5.10
CA GLN F 25 -12.62 -21.34 5.32
C GLN F 25 -12.94 -20.32 4.26
N GLU F 26 -14.08 -20.47 3.58
CA GLU F 26 -14.38 -19.56 2.49
CA GLU F 26 -14.43 -19.57 2.49
C GLU F 26 -14.79 -18.18 3.00
N SER F 27 -15.63 -18.12 4.04
CA SER F 27 -16.12 -16.88 4.63
C SER F 27 -16.40 -17.17 6.10
N GLU F 28 -16.63 -16.10 6.88
CA GLU F 28 -16.76 -16.26 8.33
C GLU F 28 -17.89 -17.23 8.69
N SER F 29 -19.01 -17.19 7.96
CA SER F 29 -20.14 -18.06 8.29
C SER F 29 -20.03 -19.45 7.66
N SER F 30 -19.08 -19.66 6.76
CA SER F 30 -18.89 -20.95 6.11
C SER F 30 -18.19 -21.90 7.06
N PRO F 31 -18.37 -23.20 6.86
CA PRO F 31 -17.61 -24.17 7.65
C PRO F 31 -16.13 -24.06 7.31
N THR F 32 -15.32 -24.52 8.25
CA THR F 32 -13.88 -24.62 8.04
C THR F 32 -13.53 -26.06 7.79
N ILE F 33 -12.81 -26.30 6.70
CA ILE F 33 -12.36 -27.64 6.36
C ILE F 33 -10.97 -27.80 6.98
N ILE F 34 -10.82 -28.83 7.80
CA ILE F 34 -9.59 -29.09 8.54
C ILE F 34 -9.03 -30.42 8.06
N THR F 35 -7.76 -30.43 7.70
CA THR F 35 -7.10 -31.63 7.23
CA THR F 35 -7.09 -31.63 7.24
C THR F 35 -5.88 -31.86 8.12
N TRP F 36 -5.67 -33.10 8.50
CA TRP F 36 -4.49 -33.40 9.27
C TRP F 36 -3.70 -34.49 8.58
N ASP F 37 -2.43 -34.51 8.91
CA ASP F 37 -1.50 -35.45 8.32
C ASP F 37 -0.43 -35.60 9.39
N ILE F 38 -0.65 -36.59 10.26
CA ILE F 38 0.12 -36.80 11.48
C ILE F 38 0.90 -38.09 11.33
N THR F 39 2.16 -38.10 11.76
CA THR F 39 2.97 -39.32 11.79
C THR F 39 3.58 -39.48 13.18
N GLY F 40 4.01 -40.69 13.49
CA GLY F 40 4.79 -40.91 14.69
C GLY F 40 4.01 -41.11 15.96
N HIS F 41 2.72 -41.39 15.84
CA HIS F 41 1.87 -41.60 16.99
C HIS F 41 1.74 -43.09 17.30
N ASP F 42 1.03 -43.40 18.37
CA ASP F 42 0.72 -44.79 18.69
C ASP F 42 -0.09 -45.41 17.56
N PRO F 43 0.08 -46.69 17.28
CA PRO F 43 -0.68 -47.31 16.19
C PRO F 43 -2.08 -47.72 16.62
N ASN F 44 -2.98 -47.78 15.63
CA ASN F 44 -4.36 -48.25 15.84
C ASN F 44 -4.99 -47.62 17.07
N ALA F 45 -4.89 -46.30 17.16
CA ALA F 45 -5.32 -45.60 18.36
C ALA F 45 -6.28 -44.46 18.01
N LYS F 46 -7.01 -44.01 19.01
CA LYS F 46 -7.81 -42.79 18.94
C LYS F 46 -7.09 -41.75 19.78
N ARG F 47 -6.77 -40.62 19.15
CA ARG F 47 -5.94 -39.61 19.81
C ARG F 47 -6.63 -38.26 19.70
N GLY F 48 -6.73 -37.57 20.84
CA GLY F 48 -7.41 -36.29 20.85
C GLY F 48 -6.65 -35.24 20.06
N MET F 49 -7.39 -34.39 19.38
CA MET F 49 -6.78 -33.27 18.67
C MET F 49 -7.65 -32.06 18.93
N HIS F 50 -7.04 -31.01 19.48
CA HIS F 50 -7.81 -29.86 19.87
C HIS F 50 -7.10 -28.59 19.48
N ILE F 51 -7.91 -27.56 19.33
CA ILE F 51 -7.38 -26.20 19.23
C ILE F 51 -7.37 -25.65 20.63
N HIS F 52 -6.18 -25.33 21.11
CA HIS F 52 -6.00 -24.69 22.41
C HIS F 52 -5.90 -23.17 22.22
N THR F 53 -6.19 -22.45 23.30
CA THR F 53 -6.44 -21.02 23.18
C THR F 53 -5.22 -20.25 22.73
N PHE F 54 -4.06 -20.54 23.27
CA PHE F 54 -2.90 -19.68 23.09
C PHE F 54 -1.94 -20.26 22.07
N GLY F 55 -1.50 -19.42 21.17
CA GLY F 55 -0.44 -19.77 20.24
C GLY F 55 0.91 -19.51 20.86
N ASP F 56 1.06 -19.95 22.10
CA ASP F 56 2.22 -19.63 22.91
C ASP F 56 2.99 -20.92 23.16
N ASN F 57 4.19 -21.01 22.64
CA ASN F 57 5.01 -22.20 22.77
C ASN F 57 6.21 -21.96 23.68
N THR F 58 6.13 -20.92 24.52
CA THR F 58 7.26 -20.55 25.36
CA THR F 58 7.29 -20.57 25.32
C THR F 58 7.72 -21.70 26.24
N ASN F 59 6.76 -22.45 26.79
CA ASN F 59 7.03 -23.60 27.65
C ASN F 59 6.58 -24.88 26.96
N GLY F 60 6.85 -24.97 25.65
CA GLY F 60 6.36 -26.13 24.95
C GLY F 60 4.84 -26.12 24.90
N CYS F 61 4.28 -27.32 24.68
CA CYS F 61 2.84 -27.40 24.42
C CYS F 61 2.01 -27.00 25.62
N THR F 62 2.61 -26.97 26.83
CA THR F 62 1.87 -26.57 28.03
C THR F 62 1.39 -25.13 27.94
N SER F 63 2.21 -24.27 27.31
CA SER F 63 1.86 -22.86 27.17
C SER F 63 0.68 -22.61 26.26
N ALA F 64 0.22 -23.62 25.53
CA ALA F 64 -0.98 -23.42 24.70
C ALA F 64 -2.24 -23.19 25.54
N GLY F 65 -2.21 -23.50 26.83
CA GLY F 65 -3.35 -23.24 27.66
C GLY F 65 -4.46 -24.26 27.40
N PRO F 66 -5.65 -23.89 27.73
CA PRO F 66 -6.76 -24.87 27.64
C PRO F 66 -7.38 -24.92 26.25
N HIS F 67 -8.44 -25.70 26.09
CA HIS F 67 -9.13 -25.70 24.81
C HIS F 67 -9.72 -24.35 24.50
N PHE F 68 -9.61 -23.95 23.24
CA PHE F 68 -10.20 -22.70 22.82
C PHE F 68 -11.71 -22.76 22.98
N ASN F 69 -12.25 -21.86 23.80
CA ASN F 69 -13.64 -21.96 24.25
C ASN F 69 -14.26 -20.57 24.34
N PRO F 70 -14.31 -19.82 23.22
CA PRO F 70 -14.85 -18.45 23.29
C PRO F 70 -16.33 -18.41 23.68
N HIS F 71 -17.07 -19.46 23.39
CA HIS F 71 -18.51 -19.48 23.68
C HIS F 71 -18.85 -20.06 25.04
N GLY F 72 -17.84 -20.41 25.84
CA GLY F 72 -18.02 -20.83 27.21
C GLY F 72 -18.90 -22.05 27.39
N LYS F 73 -18.62 -23.09 26.63
CA LYS F 73 -19.35 -24.35 26.70
C LYS F 73 -18.49 -25.39 27.39
N THR F 74 -19.10 -26.52 27.67
CA THR F 74 -18.35 -27.64 28.21
C THR F 74 -17.69 -28.41 27.08
N HIS F 75 -16.69 -29.20 27.44
CA HIS F 75 -15.98 -30.02 26.48
C HIS F 75 -16.92 -31.03 25.85
N GLY F 76 -16.80 -31.24 24.54
CA GLY F 76 -17.57 -32.31 23.95
C GLY F 76 -16.98 -32.86 22.68
N ALA F 77 -17.78 -33.61 21.93
CA ALA F 77 -17.39 -34.07 20.61
C ALA F 77 -17.66 -32.98 19.59
N PRO F 78 -16.98 -33.00 18.45
CA PRO F 78 -17.26 -31.96 17.44
C PRO F 78 -18.73 -31.95 17.03
N THR F 79 -19.40 -33.08 17.15
CA THR F 79 -20.80 -33.19 16.75
C THR F 79 -21.75 -32.66 17.81
N ASP F 80 -21.26 -32.39 19.03
CA ASP F 80 -22.12 -31.91 20.11
C ASP F 80 -22.39 -30.42 19.98
N GLU F 81 -23.62 -30.02 20.33
CA GLU F 81 -23.92 -28.61 20.47
C GLU F 81 -23.08 -27.98 21.58
N ASN F 82 -22.95 -28.69 22.69
CA ASN F 82 -22.16 -28.23 23.83
C ASN F 82 -20.76 -28.77 23.66
N ARG F 83 -19.93 -27.99 22.98
CA ARG F 83 -18.53 -28.34 22.80
C ARG F 83 -17.74 -27.05 22.84
N HIS F 84 -16.45 -27.18 23.11
CA HIS F 84 -15.53 -26.07 22.88
C HIS F 84 -15.34 -25.87 21.38
N VAL F 85 -15.05 -24.63 20.97
CA VAL F 85 -14.69 -24.44 19.56
C VAL F 85 -13.54 -25.37 19.19
N GLY F 86 -12.54 -25.49 20.07
CA GLY F 86 -11.35 -26.26 19.78
C GLY F 86 -11.53 -27.77 19.84
N ASP F 87 -12.75 -28.26 20.03
CA ASP F 87 -12.99 -29.68 20.24
C ASP F 87 -13.11 -30.41 18.90
N LEU F 88 -11.99 -30.97 18.43
CA LEU F 88 -11.93 -31.62 17.13
C LEU F 88 -12.03 -33.14 17.26
N GLY F 89 -12.27 -33.60 18.47
CA GLY F 89 -12.48 -35.02 18.74
C GLY F 89 -11.21 -35.82 18.61
N ASN F 90 -11.36 -37.07 18.20
CA ASN F 90 -10.26 -38.00 18.08
C ASN F 90 -9.91 -38.22 16.63
N ILE F 91 -8.63 -38.31 16.37
CA ILE F 91 -8.15 -38.77 15.07
C ILE F 91 -7.81 -40.23 15.22
N GLU F 92 -7.88 -40.95 14.12
CA GLU F 92 -7.66 -42.38 14.11
C GLU F 92 -6.29 -42.61 13.53
N THR F 93 -5.43 -43.29 14.28
CA THR F 93 -4.11 -43.60 13.78
C THR F 93 -4.12 -45.03 13.23
N ASP F 94 -3.30 -45.27 12.20
CA ASP F 94 -3.32 -46.55 11.52
C ASP F 94 -2.23 -47.46 12.11
N ALA F 95 -1.96 -48.58 11.44
CA ALA F 95 -1.00 -49.55 11.95
C ALA F 95 0.39 -48.96 12.09
N ASN F 96 0.70 -47.91 11.33
CA ASN F 96 2.00 -47.27 11.34
C ASN F 96 2.07 -46.06 12.25
N GLY F 97 1.01 -45.78 13.01
CA GLY F 97 1.00 -44.61 13.86
C GLY F 97 0.74 -43.32 13.11
N ASN F 98 0.20 -43.40 11.91
CA ASN F 98 -0.05 -42.24 11.07
C ASN F 98 -1.55 -41.97 11.05
N SER F 99 -1.90 -40.70 10.86
CA SER F 99 -3.31 -40.32 10.76
C SER F 99 -3.42 -39.19 9.76
N LYS F 100 -4.12 -39.44 8.67
CA LYS F 100 -4.46 -38.43 7.68
C LYS F 100 -5.97 -38.34 7.64
N GLY F 101 -6.49 -37.14 7.63
CA GLY F 101 -7.94 -37.05 7.61
C GLY F 101 -8.37 -35.65 7.28
N THR F 102 -9.67 -35.52 7.06
CA THR F 102 -10.30 -34.24 6.77
C THR F 102 -11.62 -34.22 7.51
N MET F 103 -12.00 -33.06 8.03
CA MET F 103 -13.29 -32.88 8.66
C MET F 103 -13.80 -31.51 8.26
N THR F 104 -15.11 -31.36 8.33
CA THR F 104 -15.76 -30.10 8.07
C THR F 104 -16.31 -29.66 9.40
N ASP F 105 -15.81 -28.53 9.90
CA ASP F 105 -16.15 -28.10 11.24
C ASP F 105 -16.99 -26.84 11.15
N HIS F 106 -18.09 -26.85 11.90
CA HIS F 106 -19.11 -25.82 11.77
C HIS F 106 -18.99 -24.74 12.84
N LEU F 107 -18.01 -24.84 13.72
CA LEU F 107 -17.74 -23.84 14.73
C LEU F 107 -16.43 -23.11 14.53
N VAL F 108 -15.40 -23.83 14.10
CA VAL F 108 -14.06 -23.24 13.94
C VAL F 108 -14.09 -22.18 12.85
N LYS F 109 -13.53 -21.01 13.15
CA LYS F 109 -13.44 -19.92 12.19
C LYS F 109 -11.99 -19.53 12.01
N LEU F 110 -11.65 -19.11 10.78
CA LEU F 110 -10.39 -18.45 10.50
C LEU F 110 -10.55 -16.96 10.31
N ILE F 111 -11.78 -16.48 10.38
CA ILE F 111 -12.16 -15.11 10.05
C ILE F 111 -12.93 -14.59 11.23
N GLY F 112 -12.63 -13.36 11.65
CA GLY F 112 -13.44 -12.68 12.63
C GLY F 112 -12.96 -12.88 14.05
N PRO F 113 -13.76 -12.40 15.00
CA PRO F 113 -13.28 -12.34 16.39
C PRO F 113 -12.97 -13.69 16.98
N GLU F 114 -13.59 -14.77 16.50
CA GLU F 114 -13.30 -16.08 17.07
C GLU F 114 -12.30 -16.85 16.23
N SER F 115 -11.60 -16.16 15.34
CA SER F 115 -10.60 -16.82 14.51
C SER F 115 -9.62 -17.63 15.36
N VAL F 116 -9.26 -18.81 14.86
CA VAL F 116 -8.26 -19.63 15.53
C VAL F 116 -6.87 -19.37 14.98
N ILE F 117 -6.73 -18.46 14.03
CA ILE F 117 -5.40 -18.07 13.58
C ILE F 117 -4.63 -17.56 14.76
N GLY F 118 -3.41 -18.05 14.93
CA GLY F 118 -2.59 -17.66 16.06
C GLY F 118 -2.84 -18.46 17.31
N ARG F 119 -3.72 -19.44 17.26
CA ARG F 119 -3.92 -20.33 18.40
C ARG F 119 -3.14 -21.61 18.12
N THR F 120 -3.40 -22.67 18.88
CA THR F 120 -2.54 -23.84 18.79
C THR F 120 -3.35 -25.09 18.51
N VAL F 121 -2.88 -25.92 17.58
CA VAL F 121 -3.37 -27.30 17.48
C VAL F 121 -2.49 -28.16 18.36
N VAL F 122 -3.13 -28.96 19.23
CA VAL F 122 -2.43 -29.92 20.06
C VAL F 122 -2.90 -31.29 19.65
N VAL F 123 -1.98 -32.18 19.39
CA VAL F 123 -2.28 -33.59 19.27
C VAL F 123 -1.93 -34.23 20.59
N HIS F 124 -2.89 -34.94 21.18
CA HIS F 124 -2.73 -35.43 22.54
C HIS F 124 -2.24 -36.86 22.53
N ALA F 125 -1.79 -37.28 23.70
CA ALA F 125 -1.24 -38.61 23.86
C ALA F 125 -2.32 -39.66 24.02
N GLY F 126 -3.52 -39.27 24.43
CA GLY F 126 -4.57 -40.21 24.78
C GLY F 126 -5.83 -39.93 24.00
N THR F 127 -6.85 -40.73 24.30
CA THR F 127 -8.14 -40.62 23.67
C THR F 127 -8.99 -39.57 24.38
N ASP F 128 -9.60 -38.72 23.58
CA ASP F 128 -10.59 -37.77 24.07
C ASP F 128 -11.87 -38.53 24.41
N ASP F 129 -12.34 -38.39 25.66
CA ASP F 129 -13.60 -39.05 26.03
C ASP F 129 -14.82 -38.24 25.62
N LEU F 130 -14.63 -37.12 24.93
CA LEU F 130 -15.71 -36.36 24.29
C LEU F 130 -16.68 -35.82 25.32
N GLY F 131 -16.17 -35.58 26.54
CA GLY F 131 -17.00 -35.00 27.56
C GLY F 131 -17.96 -35.97 28.20
N LYS F 132 -17.82 -37.27 27.90
CA LYS F 132 -18.66 -38.31 28.48
C LYS F 132 -17.88 -39.15 29.48
N GLY F 133 -16.89 -38.55 30.13
CA GLY F 133 -16.15 -39.25 31.16
C GLY F 133 -16.78 -39.14 32.53
N GLY F 134 -17.73 -38.25 32.71
CA GLY F 134 -18.45 -38.15 33.96
C GLY F 134 -17.71 -37.48 35.09
N ASN F 135 -16.58 -36.86 34.82
CA ASN F 135 -15.88 -36.10 35.83
C ASN F 135 -15.67 -34.68 35.34
N GLU F 136 -15.17 -33.83 36.24
CA GLU F 136 -14.96 -32.43 35.88
C GLU F 136 -13.92 -32.32 34.77
N GLU F 137 -12.86 -33.14 34.85
CA GLU F 137 -11.82 -33.11 33.83
C GLU F 137 -12.37 -33.47 32.45
N SER F 138 -13.30 -34.43 32.41
CA SER F 138 -13.91 -34.78 31.13
C SER F 138 -14.57 -33.56 30.49
N LEU F 139 -15.25 -32.75 31.30
CA LEU F 139 -15.98 -31.59 30.79
C LEU F 139 -15.07 -30.42 30.47
N LYS F 140 -13.79 -30.54 30.80
CA LYS F 140 -12.80 -29.52 30.50
CA LYS F 140 -12.81 -29.52 30.49
C LYS F 140 -11.89 -29.93 29.37
N THR F 141 -11.31 -31.13 29.45
CA THR F 141 -10.28 -31.56 28.50
C THR F 141 -10.60 -32.85 27.77
N GLY F 142 -11.64 -33.57 28.18
CA GLY F 142 -11.85 -34.87 27.61
C GLY F 142 -10.87 -35.92 28.10
N ASN F 143 -10.04 -35.62 29.11
CA ASN F 143 -9.11 -36.60 29.64
C ASN F 143 -8.20 -37.17 28.55
N ALA F 144 -7.81 -36.32 27.61
CA ALA F 144 -7.07 -36.79 26.45
C ALA F 144 -5.57 -36.93 26.71
N GLY F 145 -5.11 -36.66 27.92
CA GLY F 145 -3.74 -36.94 28.27
C GLY F 145 -2.79 -35.83 27.87
N PRO F 146 -1.49 -36.10 27.96
CA PRO F 146 -0.46 -35.08 27.66
C PRO F 146 -0.46 -34.60 26.22
N ARG F 147 0.53 -33.77 25.89
CA ARG F 147 0.57 -33.01 24.65
C ARG F 147 1.86 -33.30 23.90
N PRO F 148 1.93 -34.43 23.20
CA PRO F 148 3.18 -34.77 22.51
C PRO F 148 3.52 -33.85 21.38
N ALA F 149 2.55 -33.14 20.81
CA ALA F 149 2.90 -32.29 19.68
C ALA F 149 1.94 -31.14 19.62
N CYS F 150 2.44 -29.98 19.23
CA CYS F 150 1.55 -28.86 19.03
C CYS F 150 2.18 -27.95 18.01
N GLY F 151 1.38 -27.02 17.50
CA GLY F 151 1.88 -26.05 16.55
C GLY F 151 0.92 -24.89 16.48
N VAL F 152 1.46 -23.70 16.24
CA VAL F 152 0.66 -22.50 16.15
C VAL F 152 0.02 -22.44 14.77
N ILE F 153 -1.25 -22.07 14.74
CA ILE F 153 -2.01 -21.99 13.50
C ILE F 153 -1.60 -20.70 12.81
N GLY F 154 -0.90 -20.83 11.69
CA GLY F 154 -0.44 -19.69 10.95
C GLY F 154 -1.12 -19.49 9.62
N ILE F 155 -1.05 -18.28 9.10
CA ILE F 155 -1.66 -17.98 7.82
C ILE F 155 -0.85 -18.65 6.71
N ALA F 156 -1.55 -19.35 5.83
CA ALA F 156 -0.94 -20.03 4.70
C ALA F 156 -1.25 -19.27 3.41
N GLN F 157 -0.44 -19.49 2.40
CA GLN F 157 -0.66 -18.82 1.13
C GLN F 157 -1.90 -19.37 0.42
N MET G 4 34.95 7.41 -30.95
CA MET G 4 34.01 7.47 -32.06
C MET G 4 33.06 8.63 -31.84
N VAL G 5 32.01 8.42 -31.06
CA VAL G 5 30.89 9.35 -31.02
C VAL G 5 31.11 10.36 -29.90
N LYS G 6 30.89 11.64 -30.20
CA LYS G 6 31.04 12.71 -29.22
C LYS G 6 29.76 13.51 -29.19
N ALA G 7 29.37 13.93 -27.99
CA ALA G 7 28.14 14.69 -27.83
C ALA G 7 28.36 15.73 -26.76
N VAL G 8 27.47 16.72 -26.72
CA VAL G 8 27.61 17.79 -25.75
C VAL G 8 26.24 18.33 -25.41
N ALA G 9 26.03 18.66 -24.15
CA ALA G 9 24.84 19.39 -23.74
C ALA G 9 25.29 20.72 -23.17
N VAL G 10 24.65 21.78 -23.61
CA VAL G 10 24.87 23.10 -23.04
C VAL G 10 23.66 23.40 -22.18
N VAL G 11 23.87 23.52 -20.89
CA VAL G 11 22.75 23.59 -19.97
C VAL G 11 22.52 25.03 -19.56
N ARG G 12 21.26 25.37 -19.43
CA ARG G 12 20.83 26.64 -18.87
C ARG G 12 19.39 26.45 -18.49
N GLY G 13 18.85 27.43 -17.80
CA GLY G 13 17.46 27.35 -17.47
C GLY G 13 17.05 28.56 -16.69
N ASP G 14 16.01 28.40 -15.87
CA ASP G 14 15.46 29.50 -15.10
C ASP G 14 16.30 29.69 -13.85
N SER G 15 17.54 30.10 -14.07
CA SER G 15 18.54 30.19 -13.02
C SER G 15 19.81 30.81 -13.57
N LYS G 16 20.79 30.98 -12.69
CA LYS G 16 22.12 31.38 -13.12
C LYS G 16 23.04 30.20 -13.40
N VAL G 17 22.52 28.97 -13.32
CA VAL G 17 23.36 27.80 -13.56
C VAL G 17 23.51 27.61 -15.06
N THR G 18 24.74 27.51 -15.53
CA THR G 18 25.02 27.24 -16.93
C THR G 18 26.20 26.29 -17.01
N GLY G 19 26.42 25.77 -18.19
CA GLY G 19 27.67 25.09 -18.40
C GLY G 19 27.55 24.06 -19.49
N THR G 20 28.52 23.17 -19.52
CA THR G 20 28.65 22.26 -20.62
C THR G 20 28.94 20.89 -20.08
N VAL G 21 28.26 19.89 -20.64
CA VAL G 21 28.51 18.51 -20.26
C VAL G 21 28.83 17.77 -21.55
N THR G 22 30.04 17.21 -21.64
CA THR G 22 30.42 16.50 -22.86
C THR G 22 30.44 15.01 -22.63
N PHE G 23 30.25 14.27 -23.72
CA PHE G 23 30.17 12.83 -23.73
C PHE G 23 31.01 12.30 -24.87
N GLU G 24 31.79 11.28 -24.62
CA GLU G 24 32.47 10.58 -25.70
C GLU G 24 32.35 9.10 -25.46
N GLN G 25 32.10 8.36 -26.52
CA GLN G 25 32.05 6.92 -26.40
C GLN G 25 32.71 6.30 -27.62
N GLU G 26 33.62 5.37 -27.37
CA GLU G 26 34.38 4.80 -28.46
C GLU G 26 33.59 3.74 -29.21
N SER G 27 32.85 2.90 -28.50
CA SER G 27 31.99 1.90 -29.12
C SER G 27 30.79 1.68 -28.21
N GLU G 28 29.80 0.97 -28.74
CA GLU G 28 28.52 0.86 -28.03
C GLU G 28 28.69 0.23 -26.66
N SER G 29 29.54 -0.79 -26.56
CA SER G 29 29.75 -1.47 -25.28
C SER G 29 30.72 -0.72 -24.38
N SER G 30 31.49 0.24 -24.92
CA SER G 30 32.44 1.01 -24.12
C SER G 30 31.73 1.90 -23.12
N PRO G 31 32.38 2.23 -22.01
CA PRO G 31 31.84 3.27 -21.14
C PRO G 31 31.85 4.61 -21.88
N THR G 32 30.93 5.46 -21.51
CA THR G 32 30.90 6.82 -22.02
C THR G 32 31.65 7.71 -21.06
N ILE G 33 32.56 8.51 -21.60
CA ILE G 33 33.30 9.48 -20.80
C ILE G 33 32.50 10.77 -20.73
N ILE G 34 32.22 11.22 -19.53
CA ILE G 34 31.41 12.40 -19.29
C ILE G 34 32.27 13.44 -18.59
N THR G 35 32.24 14.66 -19.10
CA THR G 35 32.94 15.77 -18.48
CA THR G 35 32.92 15.76 -18.45
C THR G 35 31.95 16.91 -18.26
N TRP G 36 31.99 17.52 -17.09
CA TRP G 36 31.12 18.66 -16.87
C TRP G 36 31.95 19.87 -16.48
N ASP G 37 31.41 21.03 -16.84
CA ASP G 37 32.02 22.32 -16.54
C ASP G 37 30.85 23.25 -16.28
N ILE G 38 30.45 23.34 -15.03
CA ILE G 38 29.22 23.99 -14.60
C ILE G 38 29.59 25.21 -13.79
N THR G 39 28.84 26.29 -13.98
CA THR G 39 29.09 27.54 -13.28
CA THR G 39 29.10 27.52 -13.26
C THR G 39 27.78 28.10 -12.76
N GLY G 40 27.87 28.94 -11.73
CA GLY G 40 26.72 29.67 -11.26
C GLY G 40 25.82 28.90 -10.33
N HIS G 41 26.31 27.80 -9.76
CA HIS G 41 25.48 27.06 -8.84
C HIS G 41 25.74 27.49 -7.40
N ASP G 42 25.05 26.83 -6.46
CA ASP G 42 25.34 27.07 -5.06
C ASP G 42 26.77 26.68 -4.77
N PRO G 43 27.42 27.37 -3.84
CA PRO G 43 28.80 27.05 -3.50
C PRO G 43 28.86 25.85 -2.57
N ASN G 44 29.93 25.07 -2.72
CA ASN G 44 30.28 24.04 -1.74
C ASN G 44 29.14 23.06 -1.55
N ALA G 45 28.57 22.61 -2.66
CA ALA G 45 27.32 21.86 -2.65
C ALA G 45 27.44 20.60 -3.46
N LYS G 46 26.62 19.61 -3.10
CA LYS G 46 26.39 18.41 -3.90
C LYS G 46 25.09 18.63 -4.67
N ARG G 47 25.14 18.49 -5.99
CA ARG G 47 23.98 18.78 -6.81
C ARG G 47 23.78 17.65 -7.80
N GLY G 48 22.55 17.16 -7.90
CA GLY G 48 22.30 16.02 -8.74
C GLY G 48 22.46 16.40 -10.20
N MET G 49 22.98 15.47 -10.97
CA MET G 49 23.05 15.68 -12.41
C MET G 49 22.61 14.40 -13.07
N HIS G 50 21.58 14.49 -13.92
CA HIS G 50 20.96 13.31 -14.45
C HIS G 50 20.65 13.48 -15.92
N ILE G 51 20.60 12.36 -16.62
CA ILE G 51 20.08 12.34 -17.97
C ILE G 51 18.60 12.00 -17.85
N HIS G 52 17.78 12.91 -18.30
CA HIS G 52 16.35 12.77 -18.33
C HIS G 52 15.92 12.33 -19.71
N THR G 53 14.72 11.77 -19.79
CA THR G 53 14.34 10.98 -20.95
C THR G 53 14.20 11.81 -22.21
N PHE G 54 13.63 13.00 -22.12
CA PHE G 54 13.24 13.73 -23.32
C PHE G 54 14.14 14.90 -23.56
N GLY G 55 14.51 15.08 -24.83
CA GLY G 55 15.23 16.25 -25.28
C GLY G 55 14.22 17.31 -25.70
N ASP G 56 13.25 17.54 -24.83
CA ASP G 56 12.12 18.40 -25.11
C ASP G 56 12.22 19.56 -24.15
N ASN G 57 12.48 20.74 -24.67
CA ASN G 57 12.61 21.93 -23.85
C ASN G 57 11.43 22.89 -24.03
N THR G 58 10.27 22.37 -24.46
CA THR G 58 9.20 23.26 -24.84
C THR G 58 8.64 24.00 -23.64
N ASN G 59 8.65 23.34 -22.48
CA ASN G 59 8.23 23.93 -21.21
C ASN G 59 9.42 23.92 -20.26
N GLY G 60 10.54 24.50 -20.69
CA GLY G 60 11.70 24.53 -19.82
C GLY G 60 12.15 23.12 -19.46
N CYS G 61 12.88 23.02 -18.35
CA CYS G 61 13.46 21.74 -17.99
C CYS G 61 12.43 20.71 -17.55
N THR G 62 11.20 21.13 -17.23
CA THR G 62 10.16 20.18 -16.83
C THR G 62 9.81 19.23 -17.96
N SER G 63 9.88 19.72 -19.21
CA SER G 63 9.56 18.92 -20.39
C SER G 63 10.54 17.78 -20.62
N ALA G 64 11.71 17.80 -19.98
CA ALA G 64 12.66 16.71 -20.08
C ALA G 64 12.14 15.41 -19.48
N GLY G 65 11.07 15.46 -18.69
CA GLY G 65 10.46 14.25 -18.18
C GLY G 65 11.33 13.66 -17.08
N PRO G 66 11.13 12.39 -16.82
CA PRO G 66 11.83 11.72 -15.71
C PRO G 66 13.21 11.26 -16.14
N HIS G 67 13.92 10.65 -15.20
CA HIS G 67 15.23 10.12 -15.51
C HIS G 67 15.15 9.08 -16.59
N PHE G 68 16.16 9.09 -17.47
CA PHE G 68 16.19 8.12 -18.55
C PHE G 68 16.33 6.72 -17.97
N ASN G 69 15.34 5.88 -18.24
CA ASN G 69 15.20 4.62 -17.53
C ASN G 69 14.75 3.50 -18.48
N PRO G 70 15.50 3.26 -19.54
CA PRO G 70 15.11 2.20 -20.50
C PRO G 70 15.15 0.80 -19.92
N HIS G 71 15.87 0.56 -18.82
CA HIS G 71 15.90 -0.77 -18.25
C HIS G 71 14.87 -0.98 -17.15
N GLY G 72 14.04 0.02 -16.87
CA GLY G 72 12.96 -0.14 -15.92
C GLY G 72 13.40 -0.44 -14.50
N LYS G 73 14.37 0.31 -14.01
CA LYS G 73 14.90 0.14 -12.66
C LYS G 73 14.44 1.29 -11.79
N THR G 74 14.80 1.23 -10.52
CA THR G 74 14.56 2.35 -9.64
C THR G 74 15.80 3.23 -9.58
N HIS G 75 15.61 4.39 -8.94
CA HIS G 75 16.67 5.38 -8.90
C HIS G 75 17.79 4.94 -7.98
N GLY G 76 19.03 5.13 -8.42
CA GLY G 76 20.12 4.76 -7.53
C GLY G 76 21.34 5.61 -7.77
N ALA G 77 22.43 5.22 -7.16
CA ALA G 77 23.74 5.84 -7.41
C ALA G 77 24.32 5.27 -8.71
N PRO G 78 25.19 6.02 -9.39
CA PRO G 78 25.84 5.47 -10.59
C PRO G 78 26.47 4.12 -10.35
N THR G 79 26.99 3.84 -9.14
CA THR G 79 27.68 2.58 -8.93
C THR G 79 26.72 1.44 -8.62
N ASP G 80 25.44 1.74 -8.40
CA ASP G 80 24.49 0.71 -8.04
C ASP G 80 24.08 -0.12 -9.23
N GLU G 81 23.79 -1.39 -8.99
CA GLU G 81 23.18 -2.20 -10.03
C GLU G 81 21.78 -1.72 -10.34
N ASN G 82 21.05 -1.32 -9.30
CA ASN G 82 19.66 -0.88 -9.43
C ASN G 82 19.64 0.63 -9.55
N ARG G 83 19.69 1.12 -10.78
CA ARG G 83 19.75 2.54 -11.04
C ARG G 83 19.13 2.79 -12.40
N HIS G 84 18.74 4.03 -12.63
CA HIS G 84 18.37 4.47 -13.96
C HIS G 84 19.63 4.68 -14.80
N VAL G 85 19.51 4.48 -16.12
CA VAL G 85 20.63 4.85 -16.97
C VAL G 85 21.05 6.29 -16.71
N GLY G 86 20.09 7.19 -16.54
CA GLY G 86 20.49 8.57 -16.38
C GLY G 86 21.00 8.98 -15.01
N ASP G 87 21.17 8.03 -14.11
CA ASP G 87 21.60 8.35 -12.75
C ASP G 87 23.10 8.57 -12.70
N LEU G 88 23.50 9.83 -12.78
CA LEU G 88 24.92 10.17 -12.72
C LEU G 88 25.32 10.77 -11.38
N GLY G 89 24.43 10.67 -10.38
CA GLY G 89 24.78 11.09 -9.04
C GLY G 89 24.91 12.60 -8.91
N ASN G 90 25.81 13.02 -8.01
CA ASN G 90 26.00 14.42 -7.72
C ASN G 90 27.31 14.90 -8.30
N ILE G 91 27.29 16.15 -8.72
CA ILE G 91 28.51 16.89 -8.94
C ILE G 91 28.76 17.71 -7.70
N GLU G 92 30.02 18.09 -7.51
CA GLU G 92 30.46 18.88 -6.37
C GLU G 92 30.81 20.28 -6.85
N THR G 93 30.25 21.28 -6.22
CA THR G 93 30.58 22.64 -6.57
C THR G 93 31.57 23.21 -5.55
N ASP G 94 32.46 24.05 -6.06
CA ASP G 94 33.52 24.64 -5.25
C ASP G 94 32.99 25.92 -4.59
N ALA G 95 33.90 26.66 -3.95
CA ALA G 95 33.48 27.84 -3.19
C ALA G 95 32.83 28.89 -4.06
N ASN G 96 33.06 28.85 -5.37
CA ASN G 96 32.51 29.83 -6.29
C ASN G 96 31.24 29.36 -6.97
N GLY G 97 30.72 28.21 -6.60
CA GLY G 97 29.58 27.68 -7.31
C GLY G 97 29.89 26.98 -8.61
N ASN G 98 31.16 26.62 -8.85
CA ASN G 98 31.57 25.97 -10.08
C ASN G 98 31.86 24.49 -9.86
N SER G 99 31.66 23.70 -10.91
CA SER G 99 31.92 22.27 -10.83
C SER G 99 32.52 21.80 -12.13
N LYS G 100 33.77 21.34 -12.06
CA LYS G 100 34.44 20.70 -13.17
C LYS G 100 34.77 19.28 -12.76
N GLY G 101 34.41 18.34 -13.61
CA GLY G 101 34.77 16.98 -13.28
C GLY G 101 34.61 16.10 -14.48
N THR G 102 35.12 14.90 -14.34
CA THR G 102 35.00 13.94 -15.40
C THR G 102 34.84 12.55 -14.82
N MET G 103 33.99 11.76 -15.45
CA MET G 103 33.88 10.38 -15.05
C MET G 103 33.34 9.59 -16.21
N THR G 104 33.61 8.30 -16.19
CA THR G 104 32.91 7.43 -17.11
C THR G 104 31.64 6.91 -16.47
N ASP G 105 30.76 6.46 -17.33
CA ASP G 105 29.62 5.70 -16.85
C ASP G 105 29.45 4.47 -17.73
N HIS G 106 29.07 3.37 -17.10
CA HIS G 106 29.01 2.09 -17.78
C HIS G 106 27.64 1.81 -18.38
N LEU G 107 26.63 2.62 -18.08
CA LEU G 107 25.30 2.43 -18.65
C LEU G 107 24.96 3.46 -19.72
N VAL G 108 25.43 4.70 -19.55
CA VAL G 108 25.15 5.76 -20.51
C VAL G 108 25.84 5.43 -21.82
N LYS G 109 25.08 5.49 -22.90
CA LYS G 109 25.60 5.20 -24.22
C LYS G 109 25.27 6.34 -25.16
N LEU G 110 26.17 6.61 -26.11
CA LEU G 110 25.86 7.49 -27.23
C LEU G 110 25.53 6.73 -28.50
N ILE G 111 25.75 5.43 -28.49
CA ILE G 111 25.66 4.59 -29.67
C ILE G 111 24.62 3.54 -29.39
N GLY G 112 23.76 3.27 -30.37
CA GLY G 112 22.84 2.17 -30.26
C GLY G 112 21.50 2.58 -29.70
N PRO G 113 20.64 1.59 -29.44
CA PRO G 113 19.23 1.87 -29.16
C PRO G 113 18.97 2.60 -27.86
N GLU G 114 19.88 2.54 -26.90
CA GLU G 114 19.73 3.27 -25.66
C GLU G 114 20.49 4.58 -25.68
N SER G 115 20.87 5.06 -26.87
CA SER G 115 21.62 6.29 -26.96
C SER G 115 20.93 7.40 -26.19
N VAL G 116 21.74 8.21 -25.48
CA VAL G 116 21.21 9.42 -24.86
C VAL G 116 21.30 10.63 -25.76
N ILE G 117 21.82 10.47 -26.98
CA ILE G 117 21.81 11.62 -27.88
C ILE G 117 20.36 12.01 -28.11
N GLY G 118 20.10 13.31 -27.98
CA GLY G 118 18.77 13.86 -28.10
C GLY G 118 17.98 13.80 -26.80
N ARG G 119 18.58 13.38 -25.72
CA ARG G 119 17.93 13.42 -24.42
C ARG G 119 18.52 14.60 -23.69
N THR G 120 18.26 14.72 -22.39
CA THR G 120 18.57 15.97 -21.69
C THR G 120 19.43 15.73 -20.48
N VAL G 121 20.45 16.54 -20.31
CA VAL G 121 21.14 16.61 -19.03
C VAL G 121 20.44 17.65 -18.18
N VAL G 122 20.08 17.27 -16.97
CA VAL G 122 19.51 18.21 -16.02
C VAL G 122 20.48 18.34 -14.86
N VAL G 123 20.84 19.58 -14.53
CA VAL G 123 21.54 19.87 -13.29
C VAL G 123 20.49 20.33 -12.29
N HIS G 124 20.40 19.64 -11.16
CA HIS G 124 19.35 19.90 -10.21
C HIS G 124 19.73 20.94 -9.16
N ALA G 125 18.70 21.40 -8.45
CA ALA G 125 18.85 22.42 -7.42
C ALA G 125 19.36 21.85 -6.11
N GLY G 126 19.18 20.56 -5.91
CA GLY G 126 19.50 19.95 -4.64
C GLY G 126 20.34 18.71 -4.83
N THR G 127 20.51 17.97 -3.74
CA THR G 127 21.41 16.83 -3.70
C THR G 127 20.62 15.58 -3.99
N ASP G 128 21.15 14.76 -4.88
CA ASP G 128 20.64 13.43 -5.12
C ASP G 128 20.92 12.56 -3.92
N ASP G 129 19.89 12.00 -3.30
CA ASP G 129 20.12 11.06 -2.21
C ASP G 129 20.51 9.64 -2.68
N LEU G 130 20.67 9.47 -3.99
CA LEU G 130 21.19 8.24 -4.60
C LEU G 130 20.27 7.07 -4.37
N GLY G 131 18.99 7.35 -4.17
CA GLY G 131 18.11 6.22 -4.00
C GLY G 131 18.14 5.64 -2.61
N LYS G 132 18.79 6.31 -1.66
CA LYS G 132 18.95 5.78 -0.31
C LYS G 132 18.12 6.54 0.71
N GLY G 133 17.16 7.35 0.24
CA GLY G 133 16.41 8.23 1.12
C GLY G 133 15.34 7.52 1.94
N GLY G 134 14.98 6.30 1.59
CA GLY G 134 13.97 5.58 2.36
C GLY G 134 12.55 6.03 2.11
N ASN G 135 12.30 6.83 1.07
CA ASN G 135 10.93 7.13 0.69
C ASN G 135 10.76 6.86 -0.79
N GLU G 136 9.50 6.83 -1.23
CA GLU G 136 9.21 6.46 -2.61
C GLU G 136 9.84 7.42 -3.59
N GLU G 137 9.88 8.71 -3.23
CA GLU G 137 10.48 9.69 -4.14
C GLU G 137 11.96 9.43 -4.33
N SER G 138 12.64 8.93 -3.30
CA SER G 138 14.05 8.64 -3.46
C SER G 138 14.30 7.65 -4.59
N LEU G 139 13.42 6.67 -4.74
CA LEU G 139 13.58 5.65 -5.75
C LEU G 139 13.09 6.11 -7.12
N LYS G 140 12.60 7.33 -7.22
CA LYS G 140 12.26 7.91 -8.52
C LYS G 140 13.22 8.99 -8.93
N THR G 141 13.45 9.96 -8.07
CA THR G 141 14.22 11.15 -8.42
C THR G 141 15.46 11.35 -7.57
N GLY G 142 15.63 10.60 -6.50
CA GLY G 142 16.71 10.97 -5.58
C GLY G 142 16.44 12.21 -4.77
N ASN G 143 15.23 12.76 -4.83
CA ASN G 143 14.88 13.95 -4.07
C ASN G 143 15.87 15.07 -4.35
N ALA G 144 16.30 15.19 -5.59
CA ALA G 144 17.33 16.15 -5.96
C ALA G 144 16.78 17.53 -6.26
N GLY G 145 15.47 17.71 -6.16
CA GLY G 145 14.89 19.03 -6.22
C GLY G 145 14.69 19.47 -7.65
N PRO G 146 14.38 20.76 -7.81
CA PRO G 146 14.02 21.30 -9.13
C PRO G 146 15.18 21.34 -10.11
N ARG G 147 14.95 21.97 -11.25
CA ARG G 147 15.82 21.80 -12.42
C ARG G 147 16.27 23.17 -12.89
N PRO G 148 17.30 23.75 -12.26
CA PRO G 148 17.72 25.10 -12.65
C PRO G 148 18.32 25.18 -14.03
N ALA G 149 18.85 24.08 -14.57
CA ALA G 149 19.49 24.11 -15.88
C ALA G 149 19.33 22.76 -16.55
N CYS G 150 19.25 22.79 -17.87
CA CYS G 150 19.21 21.56 -18.62
C CYS G 150 19.64 21.88 -20.04
N GLY G 151 19.96 20.83 -20.77
CA GLY G 151 20.39 21.01 -22.13
C GLY G 151 20.20 19.72 -22.88
N VAL G 152 19.85 19.81 -24.15
CA VAL G 152 19.71 18.61 -24.97
C VAL G 152 21.08 18.12 -25.38
N ILE G 153 21.25 16.81 -25.35
CA ILE G 153 22.52 16.18 -25.67
C ILE G 153 22.60 16.11 -27.19
N GLY G 154 23.52 16.86 -27.76
CA GLY G 154 23.60 16.94 -29.21
C GLY G 154 24.90 16.40 -29.73
N ILE G 155 24.91 16.00 -31.00
CA ILE G 155 26.10 15.46 -31.61
C ILE G 155 27.16 16.55 -31.71
N ALA G 156 28.36 16.25 -31.23
CA ALA G 156 29.48 17.16 -31.31
C ALA G 156 30.40 16.74 -32.45
N GLN G 157 31.18 17.69 -32.94
CA GLN G 157 32.12 17.36 -34.01
C GLN G 157 33.26 16.51 -33.48
N GLU H 3 -31.06 -8.68 32.87
CA GLU H 3 -32.09 -7.98 32.14
C GLU H 3 -32.44 -6.61 32.69
N MET H 4 -33.08 -5.80 31.84
CA MET H 4 -33.62 -4.48 32.23
C MET H 4 -32.53 -3.55 32.76
N VAL H 5 -31.41 -3.53 32.05
CA VAL H 5 -30.21 -2.83 32.50
C VAL H 5 -30.26 -1.38 32.06
N LYS H 6 -29.86 -0.48 32.93
CA LYS H 6 -29.84 0.96 32.64
CA LYS H 6 -29.84 0.95 32.64
C LYS H 6 -28.45 1.48 32.92
N ALA H 7 -27.98 2.37 32.07
CA ALA H 7 -26.66 2.93 32.26
C ALA H 7 -26.67 4.39 31.84
N VAL H 8 -25.66 5.13 32.26
CA VAL H 8 -25.61 6.54 31.94
C VAL H 8 -24.15 6.97 31.86
N ALA H 9 -23.86 7.85 30.90
CA ALA H 9 -22.58 8.54 30.85
C ALA H 9 -22.84 10.02 31.01
N VAL H 10 -22.11 10.65 31.91
CA VAL H 10 -22.11 12.09 32.07
C VAL H 10 -20.84 12.58 31.43
N VAL H 11 -20.98 13.36 30.36
CA VAL H 11 -19.82 13.71 29.54
C VAL H 11 -19.36 15.12 29.88
N ARG H 12 -18.05 15.28 29.90
CA ARG H 12 -17.44 16.58 30.05
C ARG H 12 -16.02 16.44 29.56
N GLY H 13 -15.35 17.57 29.44
CA GLY H 13 -13.96 17.51 29.03
C GLY H 13 -13.39 18.89 28.95
N ASP H 14 -12.35 18.99 28.14
CA ASP H 14 -11.61 20.24 27.96
C ASP H 14 -12.38 21.13 27.00
N SER H 15 -13.55 21.54 27.43
CA SER H 15 -14.51 22.19 26.56
C SER H 15 -15.67 22.65 27.41
N LYS H 16 -16.60 23.37 26.78
CA LYS H 16 -17.88 23.64 27.40
C LYS H 16 -18.94 22.60 27.08
N VAL H 17 -18.61 21.54 26.37
CA VAL H 17 -19.61 20.53 26.04
C VAL H 17 -19.84 19.63 27.25
N THR H 18 -21.09 19.47 27.63
CA THR H 18 -21.45 18.60 28.74
C THR H 18 -22.76 17.92 28.41
N GLY H 19 -23.06 16.92 29.17
CA GLY H 19 -24.39 16.38 29.09
C GLY H 19 -24.43 14.95 29.56
N THR H 20 -25.52 14.33 29.23
CA THR H 20 -25.84 13.02 29.71
C THR H 20 -26.26 12.15 28.54
N VAL H 21 -25.76 10.92 28.52
CA VAL H 21 -26.21 9.94 27.55
C VAL H 21 -26.68 8.74 28.35
N THR H 22 -27.94 8.35 28.17
CA THR H 22 -28.46 7.21 28.89
C THR H 22 -28.64 6.04 27.95
N PHE H 23 -28.56 4.84 28.52
CA PHE H 23 -28.71 3.58 27.81
C PHE H 23 -29.66 2.70 28.58
N GLU H 24 -30.56 2.04 27.88
CA GLU H 24 -31.34 1.00 28.52
C GLU H 24 -31.45 -0.19 27.58
N GLN H 25 -31.39 -1.38 28.15
CA GLN H 25 -31.48 -2.58 27.35
C GLN H 25 -32.26 -3.62 28.13
N GLU H 26 -33.28 -4.16 27.47
CA GLU H 26 -34.16 -5.10 28.15
C GLU H 26 -33.51 -6.47 28.32
N SER H 27 -32.91 -6.99 27.26
CA SER H 27 -32.23 -8.27 27.31
C SER H 27 -31.03 -8.19 26.38
N GLU H 28 -30.16 -9.20 26.44
CA GLU H 28 -28.89 -9.12 25.73
C GLU H 28 -29.09 -8.92 24.24
N SER H 29 -30.06 -9.62 23.65
CA SER H 29 -30.29 -9.53 22.22
C SER H 29 -31.12 -8.32 21.82
N SER H 30 -31.80 -7.66 22.77
CA SER H 30 -32.62 -6.50 22.47
C SER H 30 -31.77 -5.31 22.04
N PRO H 31 -32.32 -4.42 21.22
CA PRO H 31 -31.61 -3.16 20.95
C PRO H 31 -31.47 -2.35 22.21
N THR H 32 -30.40 -1.57 22.29
CA THR H 32 -30.21 -0.67 23.42
C THR H 32 -30.78 0.68 23.05
N ILE H 33 -31.61 1.23 23.92
CA ILE H 33 -32.16 2.55 23.69
CA ILE H 33 -32.19 2.55 23.74
C ILE H 33 -31.22 3.58 24.30
N ILE H 34 -30.83 4.53 23.46
CA ILE H 34 -29.86 5.55 23.81
C ILE H 34 -30.54 6.90 23.73
N THR H 35 -30.33 7.72 24.75
CA THR H 35 -30.85 9.08 24.80
CA THR H 35 -30.83 9.08 24.75
C THR H 35 -29.71 10.01 25.15
N TRP H 36 -29.59 11.11 24.44
CA TRP H 36 -28.58 12.08 24.77
C TRP H 36 -29.24 13.43 25.02
N ASP H 37 -28.59 14.20 25.88
CA ASP H 37 -29.01 15.54 26.26
C ASP H 37 -27.71 16.29 26.44
N ILE H 38 -27.26 16.95 25.38
CA ILE H 38 -25.95 17.57 25.30
C ILE H 38 -26.12 19.07 25.22
N THR H 39 -25.24 19.79 25.89
CA THR H 39 -25.29 21.24 25.85
C THR H 39 -23.88 21.78 25.66
N GLY H 40 -23.81 23.03 25.21
CA GLY H 40 -22.54 23.71 25.14
C GLY H 40 -21.72 23.42 23.91
N HIS H 41 -22.32 22.85 22.86
CA HIS H 41 -21.58 22.52 21.67
C HIS H 41 -21.76 23.62 20.63
N ASP H 42 -21.13 23.43 19.48
CA ASP H 42 -21.34 24.33 18.36
C ASP H 42 -22.82 24.34 17.97
N PRO H 43 -23.32 25.47 17.50
CA PRO H 43 -24.73 25.53 17.10
C PRO H 43 -24.92 24.98 15.71
N ASN H 44 -26.10 24.41 15.48
CA ASN H 44 -26.54 24.04 14.14
C ASN H 44 -25.54 23.11 13.46
N ALA H 45 -25.10 22.09 14.20
CA ALA H 45 -23.93 21.33 13.82
C ALA H 45 -24.24 19.84 13.89
N LYS H 46 -23.48 19.07 13.11
CA LYS H 46 -23.51 17.61 13.17
C LYS H 46 -22.23 17.19 13.88
N ARG H 47 -22.37 16.46 14.97
CA ARG H 47 -21.21 16.14 15.81
C ARG H 47 -21.20 14.66 16.10
N GLY H 48 -20.05 14.03 15.90
CA GLY H 48 -19.97 12.61 16.08
C GLY H 48 -20.14 12.24 17.54
N MET H 49 -20.80 11.13 17.78
CA MET H 49 -20.91 10.60 19.14
C MET H 49 -20.63 9.11 19.06
N HIS H 50 -19.61 8.66 19.79
CA HIS H 50 -19.20 7.28 19.66
C HIS H 50 -18.96 6.67 21.02
N ILE H 51 -19.07 5.37 21.06
CA ILE H 51 -18.62 4.64 22.23
C ILE H 51 -17.20 4.21 21.93
N HIS H 52 -16.28 4.69 22.75
CA HIS H 52 -14.88 4.33 22.64
C HIS H 52 -14.56 3.21 23.62
N THR H 53 -13.42 2.55 23.38
CA THR H 53 -13.22 1.23 23.95
C THR H 53 -13.02 1.27 25.46
N PHE H 54 -12.27 2.25 25.96
CA PHE H 54 -11.82 2.23 27.34
C PHE H 54 -12.58 3.25 28.16
N GLY H 55 -12.98 2.83 29.35
CA GLY H 55 -13.50 3.76 30.33
C GLY H 55 -12.37 4.32 31.18
N ASP H 56 -11.35 4.77 30.50
CA ASP H 56 -10.13 5.27 31.11
C ASP H 56 -10.06 6.76 30.83
N ASN H 57 -10.15 7.56 31.89
CA ASN H 57 -10.10 9.00 31.77
C ASN H 57 -8.81 9.56 32.37
N THR H 58 -7.76 8.73 32.42
CA THR H 58 -6.54 9.15 33.11
C THR H 58 -5.86 10.29 32.38
N ASN H 59 -5.99 10.33 31.07
CA ASN H 59 -5.43 11.36 30.21
C ASN H 59 -6.58 12.04 29.46
N GLY H 60 -7.63 12.45 30.19
CA GLY H 60 -8.73 13.07 29.48
C GLY H 60 -9.35 12.10 28.50
N CYS H 61 -10.03 12.66 27.49
CA CYS H 61 -10.77 11.81 26.57
C CYS H 61 -9.86 11.00 25.66
N THR H 62 -8.57 11.35 25.57
CA THR H 62 -7.66 10.58 24.73
C THR H 62 -7.50 9.15 25.23
N SER H 63 -7.51 8.94 26.56
CA SER H 63 -7.29 7.59 27.05
C SER H 63 -8.50 6.68 26.87
N ALA H 64 -9.63 7.21 26.39
CA ALA H 64 -10.74 6.36 25.98
C ALA H 64 -10.38 5.49 24.79
N GLY H 65 -9.29 5.77 24.07
CA GLY H 65 -8.86 4.91 23.01
C GLY H 65 -9.76 5.03 21.79
N PRO H 66 -9.71 4.02 20.93
CA PRO H 66 -10.44 4.08 19.66
C PRO H 66 -11.89 3.64 19.86
N HIS H 67 -12.63 3.64 18.77
CA HIS H 67 -14.02 3.23 18.83
C HIS H 67 -14.13 1.80 19.29
N PHE H 68 -15.12 1.53 20.12
CA PHE H 68 -15.37 0.17 20.53
C PHE H 68 -15.67 -0.73 19.34
N ASN H 69 -14.82 -1.73 19.13
CA ASN H 69 -14.82 -2.51 17.89
C ASN H 69 -14.55 -3.99 18.15
N PRO H 70 -15.39 -4.63 18.97
CA PRO H 70 -15.15 -6.05 19.29
C PRO H 70 -15.38 -6.97 18.11
N HIS H 71 -16.10 -6.53 17.09
CA HIS H 71 -16.30 -7.38 15.93
C HIS H 71 -15.25 -7.16 14.85
N GLY H 72 -14.28 -6.27 15.07
CA GLY H 72 -13.17 -6.10 14.13
C GLY H 72 -13.59 -5.60 12.76
N LYS H 73 -14.44 -4.59 12.73
CA LYS H 73 -14.93 -4.02 11.47
C LYS H 73 -14.29 -2.65 11.23
N THR H 74 -14.62 -2.05 10.10
CA THR H 74 -14.19 -0.69 9.87
C THR H 74 -15.30 0.26 10.30
N HIS H 75 -14.94 1.54 10.32
CA HIS H 75 -15.83 2.56 10.84
C HIS H 75 -16.99 2.78 9.87
N GLY H 76 -18.19 2.93 10.41
CA GLY H 76 -19.30 3.18 9.49
C GLY H 76 -20.41 3.98 10.11
N ALA H 77 -21.54 4.06 9.42
CA ALA H 77 -22.76 4.62 9.98
C ALA H 77 -23.45 3.58 10.85
N PRO H 78 -24.21 4.02 11.86
CA PRO H 78 -25.01 3.06 12.65
C PRO H 78 -25.79 2.07 11.80
N THR H 79 -26.30 2.50 10.64
CA THR H 79 -27.14 1.60 9.88
C THR H 79 -26.34 0.67 8.98
N ASP H 80 -25.02 0.87 8.89
CA ASP H 80 -24.18 0.02 8.06
C ASP H 80 -23.94 -1.35 8.69
N GLU H 81 -23.82 -2.37 7.83
CA GLU H 81 -23.34 -3.67 8.31
C GLU H 81 -21.91 -3.56 8.79
N ASN H 82 -21.11 -2.80 8.08
CA ASN H 82 -19.67 -2.70 8.32
C ASN H 82 -19.43 -1.44 9.14
N ARG H 83 -19.47 -1.60 10.47
CA ARG H 83 -19.37 -0.49 11.38
C ARG H 83 -18.77 -1.03 12.66
N HIS H 84 -18.18 -0.14 13.44
CA HIS H 84 -17.84 -0.48 14.82
C HIS H 84 -19.08 -0.52 15.70
N VAL H 85 -19.06 -1.34 16.76
CA VAL H 85 -20.17 -1.29 17.73
C VAL H 85 -20.36 0.14 18.21
N GLY H 86 -19.28 0.84 18.46
CA GLY H 86 -19.39 2.18 19.01
C GLY H 86 -19.83 3.27 18.06
N ASP H 87 -20.16 2.93 16.82
CA ASP H 87 -20.49 3.91 15.78
C ASP H 87 -21.94 4.34 15.88
N LEU H 88 -22.16 5.44 16.60
CA LEU H 88 -23.49 5.98 16.79
C LEU H 88 -23.75 7.20 15.92
N GLY H 89 -22.85 7.48 14.98
CA GLY H 89 -23.14 8.55 14.03
C GLY H 89 -23.03 9.93 14.65
N ASN H 90 -23.82 10.84 14.10
CA ASN H 90 -23.79 12.23 14.51
C ASN H 90 -25.03 12.55 15.31
N ILE H 91 -24.86 13.45 16.26
CA ILE H 91 -25.98 14.12 16.86
C ILE H 91 -26.10 15.47 16.18
N GLU H 92 -27.30 16.05 16.24
CA GLU H 92 -27.59 17.35 15.64
C GLU H 92 -27.76 18.34 16.76
N THR H 93 -27.00 19.43 16.72
CA THR H 93 -27.17 20.48 17.70
C THR H 93 -28.04 21.58 17.13
N ASP H 94 -28.83 22.19 18.01
CA ASP H 94 -29.76 23.24 17.61
C ASP H 94 -29.04 24.58 17.62
N ALA H 95 -29.81 25.66 17.42
CA ALA H 95 -29.22 26.99 17.33
C ALA H 95 -28.50 27.39 18.61
N ASN H 96 -28.78 26.73 19.72
CA ASN H 96 -28.16 27.06 20.99
C ASN H 96 -27.01 26.12 21.33
N GLY H 97 -26.63 25.24 20.42
CA GLY H 97 -25.57 24.30 20.71
C GLY H 97 -26.01 23.11 21.53
N ASN H 98 -27.31 22.88 21.63
CA ASN H 98 -27.88 21.79 22.41
C ASN H 98 -28.36 20.65 21.53
N SER H 99 -28.31 19.44 22.06
CA SER H 99 -28.77 18.28 21.32
C SER H 99 -29.46 17.31 22.24
N LYS H 100 -30.73 17.08 21.97
CA LYS H 100 -31.53 16.07 22.64
C LYS H 100 -32.06 15.11 21.61
N GLY H 101 -31.90 13.84 21.87
CA GLY H 101 -32.40 12.88 20.92
C GLY H 101 -32.39 11.52 21.54
N THR H 102 -33.04 10.61 20.84
CA THR H 102 -33.06 9.25 21.32
C THR H 102 -33.07 8.34 20.10
N MET H 103 -32.35 7.24 20.21
CA MET H 103 -32.45 6.22 19.19
C MET H 103 -32.07 4.91 19.82
N THR H 104 -32.49 3.84 19.19
CA THR H 104 -31.95 2.56 19.55
C THR H 104 -30.75 2.25 18.68
N ASP H 105 -29.95 1.33 19.18
CA ASP H 105 -28.90 0.74 18.38
C ASP H 105 -28.94 -0.76 18.54
N HIS H 106 -28.73 -1.47 17.44
CA HIS H 106 -28.85 -2.92 17.42
C HIS H 106 -27.54 -3.65 17.72
N LEU H 107 -26.42 -2.94 17.81
CA LEU H 107 -25.13 -3.55 18.17
C LEU H 107 -24.70 -3.24 19.59
N VAL H 108 -24.97 -2.03 20.06
CA VAL H 108 -24.61 -1.63 21.41
C VAL H 108 -25.37 -2.48 22.41
N LYS H 109 -24.64 -3.09 23.34
CA LYS H 109 -25.23 -3.90 24.37
C LYS H 109 -24.78 -3.41 25.75
N LEU H 110 -25.69 -3.48 26.73
CA LEU H 110 -25.34 -3.30 28.13
C LEU H 110 -25.17 -4.62 28.86
N ILE H 111 -25.57 -5.71 28.23
CA ILE H 111 -25.62 -7.02 28.83
C ILE H 111 -24.70 -7.94 28.04
N GLY H 112 -23.90 -8.72 28.75
CA GLY H 112 -23.14 -9.76 28.09
C GLY H 112 -21.74 -9.31 27.75
N PRO H 113 -21.05 -10.14 26.97
CA PRO H 113 -19.60 -9.98 26.76
C PRO H 113 -19.20 -8.71 26.03
N GLU H 114 -20.03 -8.22 25.13
CA GLU H 114 -19.75 -6.99 24.42
C GLU H 114 -20.33 -5.79 25.13
N SER H 115 -20.68 -5.92 26.42
CA SER H 115 -21.27 -4.80 27.12
C SER H 115 -20.41 -3.56 27.00
N VAL H 116 -21.08 -2.41 26.82
CA VAL H 116 -20.37 -1.13 26.83
C VAL H 116 -20.33 -0.50 28.21
N ILE H 117 -20.89 -1.15 29.23
CA ILE H 117 -20.76 -0.63 30.58
CA ILE H 117 -20.77 -0.59 30.55
C ILE H 117 -19.29 -0.58 30.92
N GLY H 118 -18.83 0.53 31.46
CA GLY H 118 -17.43 0.71 31.73
C GLY H 118 -16.63 1.22 30.56
N ARG H 119 -17.25 1.49 29.42
CA ARG H 119 -16.53 2.09 28.30
C ARG H 119 -16.94 3.55 28.25
N THR H 120 -16.62 4.25 27.17
CA THR H 120 -16.72 5.71 27.20
C THR H 120 -17.58 6.19 26.06
N VAL H 121 -18.49 7.12 26.35
CA VAL H 121 -19.11 7.92 25.31
C VAL H 121 -18.25 9.14 25.05
N VAL H 122 -17.90 9.38 23.79
CA VAL H 122 -17.17 10.58 23.41
C VAL H 122 -18.07 11.38 22.51
N VAL H 123 -18.24 12.66 22.82
CA VAL H 123 -18.85 13.61 21.91
C VAL H 123 -17.70 14.33 21.22
N HIS H 124 -17.67 14.26 19.89
CA HIS H 124 -16.56 14.81 19.14
C HIS H 124 -16.77 16.25 18.74
N ALA H 125 -15.67 16.88 18.35
CA ALA H 125 -15.67 18.27 17.93
C ALA H 125 -16.18 18.47 16.52
N GLY H 126 -16.18 17.42 15.71
CA GLY H 126 -16.50 17.56 14.32
C GLY H 126 -17.51 16.51 13.90
N THR H 127 -17.74 16.45 12.59
CA THR H 127 -18.78 15.63 12.01
C THR H 127 -18.19 14.29 11.65
N ASP H 128 -18.85 13.23 12.08
CA ASP H 128 -18.56 11.89 11.61
C ASP H 128 -18.90 11.77 10.14
N ASP H 129 -17.92 11.43 9.31
CA ASP H 129 -18.25 11.21 7.90
C ASP H 129 -18.83 9.82 7.63
N LEU H 130 -19.12 9.06 8.70
CA LEU H 130 -19.81 7.77 8.64
C LEU H 130 -19.03 6.76 7.81
N GLY H 131 -17.72 6.96 7.69
CA GLY H 131 -16.96 5.97 6.99
C GLY H 131 -17.04 6.12 5.50
N LYS H 132 -17.57 7.23 5.03
CA LYS H 132 -17.77 7.43 3.60
C LYS H 132 -16.81 8.49 3.04
N GLY H 133 -15.75 8.83 3.79
CA GLY H 133 -14.85 9.91 3.43
C GLY H 133 -13.84 9.55 2.36
N GLY H 134 -13.65 8.27 2.08
CA GLY H 134 -12.75 7.88 1.02
C GLY H 134 -11.29 7.95 1.39
N ASN H 135 -10.98 8.12 2.67
CA ASN H 135 -9.60 8.01 3.13
C ASN H 135 -9.55 7.00 4.27
N GLU H 136 -8.32 6.57 4.58
CA GLU H 136 -8.15 5.54 5.59
C GLU H 136 -8.67 6.00 6.95
N GLU H 137 -8.52 7.28 7.26
CA GLU H 137 -8.98 7.75 8.56
C GLU H 137 -10.49 7.68 8.67
N SER H 138 -11.19 7.84 7.54
CA SER H 138 -12.63 7.71 7.57
C SER H 138 -13.05 6.34 8.07
N LEU H 139 -12.33 5.30 7.67
CA LEU H 139 -12.66 3.94 8.07
C LEU H 139 -12.15 3.62 9.47
N LYS H 140 -11.49 4.56 10.14
CA LYS H 140 -11.10 4.37 11.54
C LYS H 140 -11.93 5.22 12.48
N THR H 141 -11.99 6.51 12.22
CA THR H 141 -12.60 7.47 13.14
C THR H 141 -13.77 8.22 12.53
N GLY H 142 -14.03 8.07 11.24
CA GLY H 142 -15.00 8.97 10.64
C GLY H 142 -14.54 10.40 10.53
N ASN H 143 -13.26 10.68 10.79
CA ASN H 143 -12.73 12.05 10.71
C ASN H 143 -13.57 13.01 11.53
N ALA H 144 -13.98 12.56 12.72
CA ALA H 144 -14.89 13.35 13.53
C ALA H 144 -14.18 14.32 14.44
N GLY H 145 -12.84 14.37 14.41
CA GLY H 145 -12.13 15.41 15.09
C GLY H 145 -11.91 15.06 16.55
N PRO H 146 -11.43 16.06 17.30
CA PRO H 146 -11.05 15.82 18.71
C PRO H 146 -12.25 15.54 19.60
N ARG H 147 -11.99 15.49 20.90
CA ARG H 147 -12.92 14.89 21.85
C ARG H 147 -13.20 15.90 22.94
N PRO H 148 -14.11 16.85 22.69
CA PRO H 148 -14.36 17.88 23.70
C PRO H 148 -14.99 17.35 24.97
N ALA H 149 -15.70 16.22 24.93
CA ALA H 149 -16.36 15.72 26.12
C ALA H 149 -16.43 14.21 26.05
N CYS H 150 -16.31 13.57 27.21
CA CYS H 150 -16.48 12.14 27.27
C CYS H 150 -16.95 11.77 28.66
N GLY H 151 -17.43 10.55 28.76
CA GLY H 151 -17.89 10.06 30.04
C GLY H 151 -17.93 8.56 30.07
N VAL H 152 -17.61 7.98 31.22
CA VAL H 152 -17.63 6.53 31.35
C VAL H 152 -19.06 6.07 31.52
N ILE H 153 -19.43 4.99 30.85
CA ILE H 153 -20.79 4.50 30.89
C ILE H 153 -20.93 3.72 32.19
N GLY H 154 -21.75 4.24 33.09
CA GLY H 154 -21.88 3.60 34.38
C GLY H 154 -23.26 3.02 34.62
N ILE H 155 -23.34 2.06 35.54
CA ILE H 155 -24.62 1.43 35.86
C ILE H 155 -25.54 2.46 36.52
N ALA H 156 -26.77 2.53 36.04
CA ALA H 156 -27.74 3.48 36.56
C ALA H 156 -28.77 2.73 37.41
N GLN H 157 -29.44 3.46 38.28
CA GLN H 157 -30.45 2.82 39.12
C GLN H 157 -31.67 2.44 38.30
ZN ZN I . 11.37 -6.09 3.95
P PO4 J . 15.91 -15.18 2.24
O1 PO4 J . 15.90 -15.58 3.70
O2 PO4 J . 14.57 -15.41 1.57
O3 PO4 J . 16.98 -16.01 1.55
O4 PO4 J . 16.28 -13.71 2.15
P PO4 K . 0.47 5.70 1.48
O1 PO4 K . 0.14 5.68 2.96
O2 PO4 K . 1.74 4.87 1.31
O3 PO4 K . -0.72 5.15 0.74
O4 PO4 K . 0.75 7.13 1.08
NA NA L . 15.85 -3.20 14.93
NA NA M . 8.02 -0.02 26.46
NA NA N . 3.68 -11.97 24.72
ZN ZN O . -11.69 -1.75 -6.21
P PO4 P . -17.55 -9.90 -8.95
O1 PO4 P . -18.64 -10.91 -8.68
O2 PO4 P . -16.21 -10.51 -8.58
O3 PO4 P . -17.80 -8.67 -8.10
O4 PO4 P . -17.58 -9.49 -10.40
NA NA Q . -1.12 7.44 -13.41
NA NA R . -4.23 2.37 -27.37
NA NA S . 7.83 0.61 -20.24
ZN ZN T . -20.44 23.21 -6.19
CU CU U . -15.13 27.02 -6.25
NA NA V . -0.21 36.55 -10.37
C1 GOL W . -30.15 17.49 -30.27
O1 GOL W . -31.10 16.59 -30.79
C2 GOL W . -29.00 16.66 -29.62
O2 GOL W . -28.21 16.02 -30.56
C3 GOL W . -28.18 17.68 -28.85
O3 GOL W . -26.87 17.24 -29.03
P PO4 X . -14.68 30.55 -1.71
O1 PO4 X . -15.29 29.20 -1.39
O2 PO4 X . -14.16 31.15 -0.42
O3 PO4 X . -13.52 30.38 -2.68
O4 PO4 X . -15.75 31.42 -2.34
ZN ZN Y . 23.41 14.24 15.82
CU CU Z . 18.67 18.24 17.96
P PO4 AA . 18.96 23.60 15.50
O1 PO4 AA . 17.82 23.17 16.40
O2 PO4 AA . 20.17 23.92 16.36
O3 PO4 AA . 19.34 22.49 14.54
O4 PO4 AA . 18.54 24.81 14.68
NA NA BA . 18.87 1.26 18.21
ZN ZN CA . 9.62 -14.72 -36.46
CU CU DA . 3.15 -15.42 -36.52
NA NA EA . 13.48 -8.29 -20.56
NA NA FA . 14.51 -23.55 -26.56
NA NA GA . 2.55 -16.21 -41.16
C1 GOL HA . 2.18 -11.54 -42.62
O1 GOL HA . 2.18 -10.43 -41.78
C2 GOL HA . 0.83 -12.28 -42.41
O2 GOL HA . 0.70 -13.39 -43.22
C3 GOL HA . 0.82 -12.67 -40.93
O3 GOL HA . -0.03 -13.78 -40.81
ZN ZN IA . -12.58 -29.17 24.76
CU CU JA . -6.32 -30.70 24.30
C1 GOL KA . -5.41 -31.19 28.60
O1 GOL KA . -5.79 -30.46 27.45
C2 GOL KA . -3.99 -30.74 29.00
O2 GOL KA . -3.89 -30.34 30.30
C3 GOL KA . -3.07 -31.90 28.67
O3 GOL KA . -2.84 -32.50 29.92
NA NA LA . -15.81 -42.12 20.50
ZN ZN MA . 17.21 8.23 -11.44
P PO4 NA . 12.16 16.72 -10.18
O1 PO4 NA . 11.03 17.15 -9.26
O2 PO4 NA . 13.24 16.00 -9.38
O3 PO4 NA . 11.64 15.79 -11.23
O4 PO4 NA . 12.76 17.94 -10.84
NA NA OA . 22.69 0.70 -20.85
ZN ZN PA . -16.09 3.87 14.44
P PO4 QA . -9.91 11.05 17.28
O1 PO4 QA . -10.29 11.96 18.42
O2 PO4 QA . -8.65 11.59 16.63
O3 PO4 QA . -9.69 9.65 17.81
O4 PO4 QA . -11.06 11.00 16.28
NA NA RA . -14.53 21.55 31.35
C1 GOL SA . -18.37 20.29 10.81
O1 GOL SA . -19.31 19.93 9.80
C2 GOL SA . -18.01 21.81 10.76
O2 GOL SA . -18.61 22.55 11.77
C3 GOL SA . -16.46 21.87 10.82
O3 GOL SA . -16.00 20.81 11.64
NA NA TA . -8.44 6.63 17.63
#